data_5YSF
#
_entry.id   5YSF
#
_cell.length_a   36.218
_cell.length_b   125.988
_cell.length_c   91.040
_cell.angle_alpha   90.00
_cell.angle_beta   100.45
_cell.angle_gamma   90.00
#
_symmetry.space_group_name_H-M   'P 1 21 1'
#
loop_
_entity.id
_entity.type
_entity.pdbx_description
1 polymer 'Lin1841 protein'
2 branched beta-D-glucopyranose-(1-2)-beta-D-glucopyranose-(1-2)-beta-D-glucopyranose-(1-2)-beta-D-glucopyranose-(1-2)-beta-D-glucopyranose
3 non-polymer (4S)-2-METHYL-2,4-PENTANEDIOL
4 non-polymer 'MAGNESIUM ION'
5 water water
#
_entity_poly.entity_id   1
_entity_poly.type   'polypeptide(L)'
_entity_poly.pdbx_seq_one_letter_code
;MDDANSSDSKVLNVWAMGDEAKSLKELAQKFTKDTGIEVKVQVIPWANAHDKLLTAVASKSGPDVVQMGTTWMPEFVEAG
ALLDITKDVEKSKNMNSDLFFPGSVKTTQFDGKTYGVPWYAETRVLFYRTDLLKKVGYNEAPKTWDELSDAALKLSKRGK
DMYGFAIDPNEQTTGFIFGRQNGSPLFDKDGTPVFNKKPFVDTVTYLDSFIKNGSAPDTDLGLDASQSFGGDGIVPMFMS
GPWMVNTLKDTAPDIDGKWATAVLPKKENNESSLGGANLSIFKYSNKKDDALKFMDYMSQPDVQLSWLKDTNSMPARMDA
WEDDMLKNDPYYKVFGEQMKTAEPMPLIPQFEEIAQLYGKSWEQIYRGGADVQTQMDTFNDQVEALLKKLEHHHHHH
;
_entity_poly.pdbx_strand_id   A,B
#
# COMPACT_ATOMS: atom_id res chain seq x y z
N SER A 9 50.48 -15.75 -22.45
CA SER A 9 51.69 -14.89 -22.14
C SER A 9 51.64 -13.56 -22.89
N LYS A 10 51.65 -13.61 -24.23
CA LYS A 10 51.31 -12.45 -25.11
C LYS A 10 49.82 -12.48 -25.56
N VAL A 11 49.04 -13.50 -25.15
CA VAL A 11 47.61 -13.53 -25.52
C VAL A 11 46.90 -12.42 -24.73
N LEU A 12 46.12 -11.59 -25.41
CA LEU A 12 45.36 -10.55 -24.74
C LEU A 12 44.12 -11.20 -24.16
N ASN A 13 43.94 -11.10 -22.86
CA ASN A 13 42.75 -11.68 -22.22
C ASN A 13 41.66 -10.62 -22.14
N VAL A 14 40.47 -10.98 -22.62
CA VAL A 14 39.34 -10.05 -22.65
C VAL A 14 38.22 -10.78 -21.91
N TRP A 15 37.58 -10.14 -20.95
CA TRP A 15 36.43 -10.68 -20.28
C TRP A 15 35.22 -9.92 -20.81
N ALA A 16 34.24 -10.65 -21.31
CA ALA A 16 33.07 -10.06 -21.94
C ALA A 16 31.86 -10.82 -21.48
N MET A 17 30.67 -10.22 -21.72
CA MET A 17 29.44 -10.79 -21.15
C MET A 17 28.41 -11.09 -22.24
N GLY A 18 27.67 -12.14 -21.99
CA GLY A 18 26.43 -12.39 -22.66
C GLY A 18 26.53 -12.50 -24.13
N ASP A 19 25.47 -12.07 -24.80
CA ASP A 19 25.37 -12.21 -26.25
C ASP A 19 26.32 -11.28 -27.00
N GLU A 20 26.53 -10.10 -26.44
CA GLU A 20 27.43 -9.10 -27.11
C GLU A 20 28.87 -9.62 -27.13
N ALA A 21 29.20 -10.51 -26.18
CA ALA A 21 30.55 -11.13 -26.19
C ALA A 21 30.82 -11.89 -27.49
N LYS A 22 29.78 -12.46 -28.12
CA LYS A 22 29.97 -13.14 -29.42
C LYS A 22 30.41 -12.22 -30.53
N SER A 23 29.80 -11.02 -30.60
CA SER A 23 30.19 -10.01 -31.57
C SER A 23 31.62 -9.56 -31.27
N LEU A 24 31.95 -9.39 -29.99
CA LEU A 24 33.33 -9.01 -29.66
C LEU A 24 34.36 -10.03 -30.11
N LYS A 25 34.11 -11.28 -29.80
CA LYS A 25 34.96 -12.41 -30.20
C LYS A 25 35.12 -12.46 -31.76
N GLU A 26 34.03 -12.31 -32.48
CA GLU A 26 34.07 -12.30 -33.93
C GLU A 26 34.90 -11.11 -34.44
N LEU A 27 34.69 -9.92 -33.91
CA LEU A 27 35.47 -8.73 -34.31
C LEU A 27 36.90 -8.87 -33.96
N ALA A 28 37.18 -9.63 -32.91
CA ALA A 28 38.55 -9.84 -32.53
C ALA A 28 39.36 -10.64 -33.55
N GLN A 29 38.72 -11.44 -34.40
CA GLN A 29 39.46 -12.19 -35.40
C GLN A 29 40.19 -11.26 -36.32
N LYS A 30 39.51 -10.21 -36.82
CA LYS A 30 40.18 -9.31 -37.75
C LYS A 30 41.31 -8.54 -37.03
N PHE A 31 41.11 -8.16 -35.76
CA PHE A 31 42.12 -7.52 -34.98
C PHE A 31 43.40 -8.37 -34.92
N THR A 32 43.25 -9.67 -34.66
CA THR A 32 44.37 -10.59 -34.67
C THR A 32 45.02 -10.72 -36.06
N LYS A 33 44.19 -10.75 -37.08
CA LYS A 33 44.69 -10.82 -38.46
C LYS A 33 45.56 -9.59 -38.79
N ASP A 34 45.14 -8.43 -38.32
CA ASP A 34 45.75 -7.16 -38.68
C ASP A 34 46.94 -6.85 -37.80
N THR A 35 47.05 -7.43 -36.63
CA THR A 35 48.11 -7.04 -35.71
C THR A 35 49.07 -8.18 -35.33
N GLY A 36 48.65 -9.43 -35.50
CA GLY A 36 49.33 -10.59 -34.82
C GLY A 36 49.16 -10.72 -33.31
N ILE A 37 48.23 -9.97 -32.73
CA ILE A 37 47.96 -10.07 -31.30
C ILE A 37 46.81 -11.11 -31.17
N GLU A 38 47.12 -12.22 -30.54
CA GLU A 38 46.12 -13.27 -30.25
C GLU A 38 45.24 -12.75 -29.10
N VAL A 39 43.93 -13.08 -29.14
CA VAL A 39 42.97 -12.62 -28.17
C VAL A 39 42.21 -13.84 -27.65
N LYS A 40 41.99 -13.90 -26.33
CA LYS A 40 41.19 -14.94 -25.70
C LYS A 40 40.06 -14.26 -24.99
N VAL A 41 38.82 -14.55 -25.40
CA VAL A 41 37.62 -13.93 -24.82
C VAL A 41 36.97 -14.91 -23.87
N GLN A 42 36.85 -14.57 -22.59
CA GLN A 42 36.04 -15.35 -21.65
C GLN A 42 34.68 -14.76 -21.68
N VAL A 43 33.65 -15.58 -21.90
CA VAL A 43 32.26 -15.19 -21.99
C VAL A 43 31.63 -15.49 -20.60
N ILE A 44 31.23 -14.44 -19.91
CA ILE A 44 30.70 -14.53 -18.57
C ILE A 44 29.22 -14.10 -18.61
N PRO A 45 28.29 -14.93 -18.08
CA PRO A 45 26.91 -14.43 -17.99
C PRO A 45 26.83 -13.20 -17.07
N TRP A 46 25.97 -12.23 -17.43
CA TRP A 46 25.71 -11.08 -16.58
C TRP A 46 25.36 -11.43 -15.14
N ALA A 47 24.60 -12.50 -14.89
CA ALA A 47 24.25 -12.95 -13.56
C ALA A 47 25.51 -13.36 -12.71
N ASN A 48 26.60 -13.71 -13.38
CA ASN A 48 27.83 -14.09 -12.65
C ASN A 48 28.97 -13.07 -12.71
N ALA A 49 28.79 -12.02 -13.51
CA ALA A 49 29.90 -11.17 -13.83
C ALA A 49 30.36 -10.34 -12.59
N HIS A 50 29.43 -9.88 -11.78
CA HIS A 50 29.84 -9.06 -10.60
C HIS A 50 30.81 -9.82 -9.66
N ASP A 51 30.43 -11.05 -9.36
CA ASP A 51 31.25 -11.96 -8.52
C ASP A 51 32.62 -12.24 -9.14
N LYS A 52 32.63 -12.50 -10.44
CA LYS A 52 33.89 -12.71 -11.16
C LYS A 52 34.82 -11.50 -11.02
N LEU A 53 34.25 -10.31 -11.16
CA LEU A 53 35.01 -9.07 -10.95
C LEU A 53 35.50 -8.89 -9.50
N LEU A 54 34.68 -9.22 -8.53
CA LEU A 54 35.13 -9.11 -7.11
C LEU A 54 36.34 -10.01 -6.85
N THR A 55 36.28 -11.22 -7.38
CA THR A 55 37.37 -12.18 -7.26
C THR A 55 38.67 -11.67 -7.91
N ALA A 56 38.56 -11.06 -9.08
CA ALA A 56 39.70 -10.47 -9.77
C ALA A 56 40.40 -9.38 -8.97
N VAL A 57 39.61 -8.49 -8.35
CA VAL A 57 40.12 -7.47 -7.43
C VAL A 57 40.82 -8.11 -6.24
N ALA A 58 40.17 -9.07 -5.60
CA ALA A 58 40.73 -9.67 -4.38
C ALA A 58 42.02 -10.40 -4.65
N SER A 59 42.18 -10.97 -5.83
CA SER A 59 43.39 -11.67 -6.22
C SER A 59 44.33 -10.84 -7.07
N LYS A 60 43.94 -9.62 -7.45
CA LYS A 60 44.72 -8.76 -8.36
C LYS A 60 45.17 -9.43 -9.67
N SER A 61 44.30 -10.29 -10.20
CA SER A 61 44.62 -10.93 -11.42
C SER A 61 43.33 -11.15 -12.14
N GLY A 62 43.36 -10.86 -13.42
CA GLY A 62 42.12 -10.82 -14.12
C GLY A 62 42.50 -10.68 -15.55
N PRO A 63 41.62 -10.10 -16.32
CA PRO A 63 41.89 -9.91 -17.72
C PRO A 63 42.77 -8.71 -18.00
N ASP A 64 43.02 -8.46 -19.29
CA ASP A 64 43.69 -7.27 -19.75
C ASP A 64 42.66 -6.21 -20.08
N VAL A 65 41.66 -6.60 -20.89
CA VAL A 65 40.50 -5.77 -21.20
C VAL A 65 39.30 -6.40 -20.53
N VAL A 66 38.51 -5.55 -19.91
CA VAL A 66 37.25 -5.99 -19.33
C VAL A 66 36.07 -5.12 -19.85
N GLN A 67 35.05 -5.79 -20.32
CA GLN A 67 33.72 -5.20 -20.52
C GLN A 67 33.05 -4.95 -19.17
N MET A 68 32.76 -3.71 -18.89
CA MET A 68 32.21 -3.28 -17.61
C MET A 68 30.76 -2.84 -17.81
N GLY A 69 29.85 -3.46 -17.08
CA GLY A 69 28.53 -2.95 -16.93
C GLY A 69 28.61 -1.56 -16.36
N THR A 70 27.86 -0.64 -16.96
CA THR A 70 27.98 0.75 -16.55
C THR A 70 27.72 1.00 -15.09
N THR A 71 26.79 0.23 -14.53
CA THR A 71 26.39 0.44 -13.12
C THR A 71 27.47 0.04 -12.12
N TRP A 72 28.44 -0.75 -12.59
CA TRP A 72 29.55 -1.22 -11.77
C TRP A 72 30.82 -0.36 -11.92
N MET A 73 30.79 0.65 -12.79
CA MET A 73 31.95 1.52 -12.89
C MET A 73 32.38 2.22 -11.64
N PRO A 74 31.43 2.85 -10.88
CA PRO A 74 31.89 3.51 -9.63
C PRO A 74 32.56 2.53 -8.70
N GLU A 75 31.97 1.34 -8.60
CA GLU A 75 32.50 0.35 -7.65
C GLU A 75 33.95 -0.04 -7.99
N PHE A 76 34.20 -0.35 -9.27
CA PHE A 76 35.50 -0.88 -9.61
C PHE A 76 36.55 0.19 -9.85
N VAL A 77 36.13 1.42 -10.15
CA VAL A 77 37.05 2.56 -10.07
C VAL A 77 37.50 2.80 -8.65
N GLU A 78 36.54 2.94 -7.75
CA GLU A 78 36.85 3.07 -6.34
C GLU A 78 37.75 1.94 -5.78
N ALA A 79 37.50 0.70 -6.20
CA ALA A 79 38.36 -0.43 -5.80
C ALA A 79 39.80 -0.39 -6.36
N GLY A 80 40.09 0.55 -7.26
CA GLY A 80 41.39 0.64 -7.89
C GLY A 80 41.63 -0.43 -8.96
N ALA A 81 40.58 -1.00 -9.52
CA ALA A 81 40.72 -2.08 -10.50
C ALA A 81 40.89 -1.62 -11.94
N LEU A 82 40.52 -0.38 -12.21
CA LEU A 82 40.46 0.10 -13.60
C LEU A 82 41.49 1.18 -13.81
N LEU A 83 42.26 1.01 -14.89
CA LEU A 83 43.28 1.95 -15.26
C LEU A 83 42.71 3.29 -15.68
N ASP A 84 43.33 4.35 -15.17
CA ASP A 84 43.10 5.73 -15.63
C ASP A 84 43.69 5.87 -17.03
N ILE A 85 42.83 6.06 -18.03
CA ILE A 85 43.26 6.12 -19.42
C ILE A 85 42.97 7.49 -20.03
N THR A 86 42.85 8.51 -19.18
CA THR A 86 42.47 9.87 -19.60
C THR A 86 43.39 10.38 -20.72
N LYS A 87 44.69 10.28 -20.50
CA LYS A 87 45.65 10.80 -21.47
C LYS A 87 45.54 10.04 -22.82
N ASP A 88 45.29 8.73 -22.74
CA ASP A 88 45.28 7.91 -23.95
C ASP A 88 44.01 8.10 -24.79
N VAL A 89 42.88 8.34 -24.15
CA VAL A 89 41.60 8.49 -24.92
C VAL A 89 41.39 9.94 -25.39
N GLU A 90 41.94 10.89 -24.66
CA GLU A 90 41.97 12.28 -25.10
C GLU A 90 42.65 12.46 -26.45
N LYS A 91 43.76 11.74 -26.63
CA LYS A 91 44.50 11.81 -27.87
C LYS A 91 43.88 10.99 -29.00
N SER A 92 42.63 10.49 -28.95
CA SER A 92 42.24 9.48 -29.92
C SER A 92 41.11 10.01 -30.72
N LYS A 93 41.20 9.76 -32.00
CA LYS A 93 40.10 10.01 -32.90
C LYS A 93 38.82 9.26 -32.49
N ASN A 94 38.94 8.00 -32.03
CA ASN A 94 37.74 7.18 -31.81
C ASN A 94 37.30 6.91 -30.38
N MET A 95 38.11 7.29 -29.40
CA MET A 95 37.77 7.05 -27.98
C MET A 95 37.59 8.30 -27.13
N ASN A 96 37.74 9.49 -27.71
CA ASN A 96 37.55 10.72 -26.94
C ASN A 96 36.08 10.87 -26.49
N SER A 97 35.90 11.41 -25.29
CA SER A 97 34.59 11.51 -24.62
C SER A 97 33.53 12.30 -25.38
N ASP A 98 34.00 13.34 -26.08
CA ASP A 98 33.16 14.20 -26.87
C ASP A 98 32.36 13.44 -27.92
N LEU A 99 32.76 12.22 -28.27
CA LEU A 99 32.02 11.42 -29.23
C LEU A 99 30.75 10.77 -28.64
N PHE A 100 30.66 10.69 -27.32
CA PHE A 100 29.71 9.77 -26.66
C PHE A 100 28.63 10.56 -25.97
N PHE A 101 27.46 9.96 -25.80
CA PHE A 101 26.39 10.61 -25.08
C PHE A 101 26.83 11.05 -23.70
N PRO A 102 26.45 12.27 -23.28
CA PRO A 102 26.89 12.72 -21.92
C PRO A 102 26.55 11.73 -20.82
N GLY A 103 25.33 11.11 -20.86
CA GLY A 103 24.98 10.12 -19.88
C GLY A 103 25.93 8.91 -19.89
N SER A 104 26.34 8.45 -21.06
CA SER A 104 27.28 7.36 -21.19
C SER A 104 28.68 7.74 -20.65
N VAL A 105 29.11 8.95 -20.95
CA VAL A 105 30.35 9.51 -20.46
C VAL A 105 30.39 9.63 -18.93
N LYS A 106 29.27 9.99 -18.30
CA LYS A 106 29.19 10.03 -16.84
C LYS A 106 29.53 8.68 -16.22
N THR A 107 29.28 7.59 -16.94
CA THR A 107 29.64 6.27 -16.44
C THR A 107 31.14 5.94 -16.53
N THR A 108 31.90 6.78 -17.26
CA THR A 108 33.32 6.57 -17.45
C THR A 108 34.22 7.57 -16.70
N GLN A 109 33.68 8.68 -16.23
CA GLN A 109 34.54 9.77 -15.75
C GLN A 109 34.27 9.97 -14.29
N PHE A 110 35.32 9.93 -13.47
CA PHE A 110 35.22 10.13 -12.03
C PHE A 110 36.38 10.96 -11.57
N ASP A 111 36.03 12.03 -10.85
CA ASP A 111 37.00 12.99 -10.38
C ASP A 111 37.98 13.45 -11.48
N GLY A 112 37.41 13.86 -12.61
CA GLY A 112 38.18 14.38 -13.74
C GLY A 112 39.04 13.38 -14.51
N LYS A 113 38.91 12.07 -14.25
CA LYS A 113 39.74 11.05 -14.87
C LYS A 113 38.80 10.06 -15.60
N THR A 114 39.28 9.53 -16.73
CA THR A 114 38.50 8.64 -17.58
C THR A 114 38.99 7.20 -17.36
N TYR A 115 38.04 6.27 -17.13
CA TYR A 115 38.34 4.88 -16.79
C TYR A 115 37.79 3.83 -17.79
N GLY A 116 37.26 4.29 -18.91
CA GLY A 116 36.82 3.37 -19.94
C GLY A 116 36.27 4.11 -21.09
N VAL A 117 35.91 3.37 -22.14
N VAL A 117 35.89 3.36 -22.12
CA VAL A 117 35.32 3.94 -23.33
CA VAL A 117 35.32 3.92 -23.32
C VAL A 117 33.99 3.25 -23.51
C VAL A 117 33.98 3.25 -23.51
N PRO A 118 32.93 4.05 -23.71
CA PRO A 118 31.61 3.46 -23.97
C PRO A 118 31.67 2.49 -25.14
N TRP A 119 31.10 1.29 -24.95
CA TRP A 119 31.05 0.34 -26.03
C TRP A 119 29.64 0.25 -26.70
N TYR A 120 28.63 0.08 -25.88
CA TYR A 120 27.22 0.24 -26.29
C TYR A 120 26.39 0.85 -25.10
N ALA A 121 25.27 1.48 -25.46
CA ALA A 121 24.31 2.02 -24.53
C ALA A 121 23.06 1.14 -24.60
N GLU A 122 22.17 1.31 -23.61
CA GLU A 122 20.83 0.78 -23.69
C GLU A 122 19.93 1.62 -22.79
N THR A 123 18.65 1.52 -23.10
CA THR A 123 17.65 2.07 -22.16
C THR A 123 16.47 1.13 -22.19
N ARG A 124 15.59 1.27 -21.22
CA ARG A 124 14.44 0.39 -21.13
C ARG A 124 13.17 1.04 -21.64
N VAL A 125 12.44 0.24 -22.43
CA VAL A 125 11.17 0.64 -23.03
C VAL A 125 10.09 -0.45 -22.82
N LEU A 126 8.86 -0.07 -23.17
CA LEU A 126 7.68 -0.95 -22.99
C LEU A 126 7.52 -1.81 -24.24
N PHE A 127 7.47 -3.11 -24.07
CA PHE A 127 7.15 -4.04 -25.17
C PHE A 127 5.70 -4.43 -25.01
N TYR A 128 4.94 -4.40 -26.09
CA TYR A 128 3.55 -4.77 -25.98
C TYR A 128 2.96 -5.42 -27.24
N ARG A 129 1.98 -6.27 -26.99
CA ARG A 129 1.19 -6.92 -28.05
C ARG A 129 0.08 -5.96 -28.51
N THR A 130 0.22 -5.44 -29.71
CA THR A 130 -0.66 -4.40 -30.21
C THR A 130 -2.05 -4.94 -30.43
N ASP A 131 -2.13 -6.22 -30.85
CA ASP A 131 -3.43 -6.85 -31.09
C ASP A 131 -4.20 -7.06 -29.79
N LEU A 132 -3.49 -7.48 -28.76
CA LEU A 132 -4.14 -7.77 -27.49
C LEU A 132 -4.49 -6.48 -26.74
N LEU A 133 -3.61 -5.46 -26.81
CA LEU A 133 -3.97 -4.14 -26.25
C LEU A 133 -5.25 -3.62 -26.93
N LYS A 134 -5.32 -3.75 -28.24
CA LYS A 134 -6.52 -3.23 -28.97
C LYS A 134 -7.82 -3.89 -28.50
N LYS A 135 -7.70 -5.16 -28.17
CA LYS A 135 -8.85 -5.96 -27.77
C LYS A 135 -9.42 -5.54 -26.39
N VAL A 136 -8.55 -4.97 -25.54
CA VAL A 136 -9.00 -4.46 -24.27
C VAL A 136 -9.16 -2.91 -24.32
N GLY A 137 -9.28 -2.36 -25.55
CA GLY A 137 -9.65 -0.99 -25.77
C GLY A 137 -8.48 0.02 -25.90
N TYR A 138 -7.26 -0.50 -25.98
CA TYR A 138 -6.03 0.36 -26.09
C TYR A 138 -5.49 0.29 -27.54
N ASN A 139 -5.82 1.30 -28.34
CA ASN A 139 -5.31 1.41 -29.71
C ASN A 139 -3.84 1.80 -29.78
N GLU A 140 -3.35 2.40 -28.71
CA GLU A 140 -1.94 2.79 -28.50
C GLU A 140 -1.44 2.20 -27.17
N ALA A 141 -0.12 2.23 -26.94
CA ALA A 141 0.43 1.66 -25.74
C ALA A 141 -0.10 2.50 -24.56
N PRO A 142 -0.24 1.90 -23.41
CA PRO A 142 -0.50 2.69 -22.20
C PRO A 142 0.55 3.80 -22.01
N LYS A 143 0.09 5.01 -21.68
CA LYS A 143 0.89 6.24 -21.66
C LYS A 143 1.13 6.76 -20.22
N THR A 144 0.39 6.21 -19.24
CA THR A 144 0.48 6.65 -17.88
C THR A 144 0.47 5.44 -16.93
N TRP A 145 0.93 5.64 -15.67
CA TRP A 145 0.85 4.57 -14.69
C TRP A 145 -0.59 4.03 -14.58
N ASP A 146 -1.57 4.92 -14.53
CA ASP A 146 -2.99 4.53 -14.43
C ASP A 146 -3.38 3.61 -15.63
N GLU A 147 -3.03 4.02 -16.86
CA GLU A 147 -3.28 3.20 -18.03
C GLU A 147 -2.58 1.85 -17.99
N LEU A 148 -1.32 1.80 -17.57
CA LEU A 148 -0.59 0.53 -17.52
C LEU A 148 -1.28 -0.42 -16.52
N SER A 149 -1.61 0.09 -15.35
CA SER A 149 -2.43 -0.65 -14.37
C SER A 149 -3.80 -1.19 -14.93
N ASP A 150 -4.51 -0.31 -15.60
CA ASP A 150 -5.82 -0.62 -16.19
C ASP A 150 -5.67 -1.65 -17.30
N ALA A 151 -4.86 -1.37 -18.30
CA ALA A 151 -4.66 -2.32 -19.41
C ALA A 151 -4.20 -3.66 -18.89
N ALA A 152 -3.25 -3.66 -17.93
CA ALA A 152 -2.75 -4.92 -17.38
C ALA A 152 -3.81 -5.75 -16.67
N LEU A 153 -4.68 -5.08 -15.90
CA LEU A 153 -5.69 -5.79 -15.21
C LEU A 153 -6.72 -6.38 -16.22
N LYS A 154 -7.14 -5.60 -17.19
CA LYS A 154 -8.07 -6.07 -18.24
C LYS A 154 -7.50 -7.30 -18.99
N LEU A 155 -6.21 -7.24 -19.28
CA LEU A 155 -5.51 -8.37 -19.88
C LEU A 155 -5.47 -9.58 -18.97
N SER A 156 -5.19 -9.38 -17.65
CA SER A 156 -5.19 -10.52 -16.72
C SER A 156 -6.57 -11.18 -16.60
N LYS A 157 -7.64 -10.41 -16.77
CA LYS A 157 -9.02 -10.88 -16.73
C LYS A 157 -9.44 -11.73 -17.93
N ARG A 158 -8.57 -11.96 -18.91
CA ARG A 158 -8.81 -12.96 -19.94
C ARG A 158 -8.97 -14.37 -19.34
N GLY A 159 -8.25 -14.66 -18.27
CA GLY A 159 -8.40 -15.94 -17.60
C GLY A 159 -7.29 -16.20 -16.62
N LYS A 160 -7.46 -17.29 -15.91
CA LYS A 160 -6.69 -17.59 -14.71
C LYS A 160 -5.14 -17.51 -14.85
N ASP A 161 -4.62 -18.13 -15.87
CA ASP A 161 -3.19 -18.17 -16.11
C ASP A 161 -2.77 -17.23 -17.23
N MET A 162 -3.52 -16.14 -17.40
CA MET A 162 -3.20 -15.06 -18.31
C MET A 162 -2.86 -13.84 -17.47
N TYR A 163 -1.89 -13.05 -17.93
CA TYR A 163 -1.39 -11.91 -17.19
C TYR A 163 -1.55 -10.62 -18.05
N GLY A 164 -1.04 -9.51 -17.50
CA GLY A 164 -0.98 -8.26 -18.14
C GLY A 164 0.33 -7.52 -18.26
N PHE A 165 1.26 -7.76 -17.36
CA PHE A 165 2.50 -7.04 -17.30
C PHE A 165 3.55 -7.81 -16.46
N ALA A 166 4.81 -7.82 -16.83
CA ALA A 166 5.82 -8.56 -16.08
C ALA A 166 6.62 -7.55 -15.24
N ILE A 167 6.91 -7.88 -14.00
CA ILE A 167 7.90 -7.20 -13.18
C ILE A 167 8.99 -8.22 -12.86
N ASP A 168 10.22 -8.02 -13.38
CA ASP A 168 11.31 -8.98 -13.26
C ASP A 168 11.93 -8.77 -11.85
N PRO A 169 11.75 -9.73 -10.96
CA PRO A 169 12.23 -9.55 -9.58
C PRO A 169 13.77 -9.46 -9.44
N ASN A 170 14.52 -9.87 -10.49
CA ASN A 170 15.98 -9.84 -10.51
C ASN A 170 16.55 -8.63 -11.29
N GLU A 171 15.67 -7.78 -11.84
CA GLU A 171 16.10 -6.63 -12.56
C GLU A 171 16.44 -5.47 -11.63
N GLN A 172 17.70 -5.09 -11.60
CA GLN A 172 18.19 -4.04 -10.70
C GLN A 172 17.52 -2.67 -10.93
N THR A 173 17.17 -2.38 -12.18
CA THR A 173 16.67 -1.06 -12.51
C THR A 173 15.17 -0.80 -12.18
N THR A 174 14.34 -1.84 -12.06
CA THR A 174 12.88 -1.63 -12.16
C THR A 174 12.34 -0.72 -11.04
N GLY A 175 12.65 -1.04 -9.78
CA GLY A 175 12.06 -0.24 -8.71
C GLY A 175 12.61 1.20 -8.75
N PHE A 176 13.90 1.33 -9.07
CA PHE A 176 14.55 2.64 -9.17
C PHE A 176 14.01 3.48 -10.35
N ILE A 177 13.76 2.83 -11.47
CA ILE A 177 13.12 3.53 -12.60
C ILE A 177 11.79 4.10 -12.20
N PHE A 178 10.88 3.25 -11.65
CA PHE A 178 9.56 3.71 -11.33
C PHE A 178 9.64 4.77 -10.20
N GLY A 179 10.59 4.64 -9.31
CA GLY A 179 10.71 5.58 -8.21
C GLY A 179 10.94 6.98 -8.68
N ARG A 180 11.86 7.13 -9.62
N ARG A 180 11.86 7.13 -9.62
CA ARG A 180 12.16 8.43 -10.23
CA ARG A 180 12.16 8.43 -10.23
C ARG A 180 10.98 8.97 -11.00
C ARG A 180 10.98 8.97 -11.00
N GLN A 181 10.20 8.08 -11.62
CA GLN A 181 8.99 8.47 -12.30
C GLN A 181 7.93 9.13 -11.37
N ASN A 182 7.91 8.70 -10.14
CA ASN A 182 7.10 9.27 -9.12
C ASN A 182 7.79 10.32 -8.27
N GLY A 183 8.85 10.92 -8.78
CA GLY A 183 9.43 12.02 -8.12
C GLY A 183 10.42 11.64 -7.05
N SER A 184 10.76 10.37 -6.88
CA SER A 184 11.83 10.06 -5.89
C SER A 184 13.20 10.33 -6.49
N PRO A 185 14.04 11.10 -5.80
CA PRO A 185 15.45 11.17 -6.21
C PRO A 185 16.29 9.95 -5.77
N LEU A 186 15.72 9.04 -4.96
CA LEU A 186 16.34 7.83 -4.47
C LEU A 186 17.35 8.12 -3.37
N PHE A 187 18.28 9.03 -3.64
CA PHE A 187 19.14 9.70 -2.62
C PHE A 187 18.91 11.19 -2.77
N ASP A 188 18.68 11.86 -1.67
CA ASP A 188 18.47 13.27 -1.67
C ASP A 188 19.79 14.04 -1.85
N LYS A 189 19.72 15.35 -1.84
CA LYS A 189 20.85 16.21 -2.10
C LYS A 189 22.04 15.93 -1.19
N ASP A 190 21.81 15.46 0.02
CA ASP A 190 22.87 15.17 0.95
C ASP A 190 23.43 13.74 0.81
N GLY A 191 22.86 12.90 -0.06
CA GLY A 191 23.25 11.51 -0.16
C GLY A 191 22.45 10.58 0.75
N THR A 192 21.49 11.11 1.53
CA THR A 192 20.66 10.29 2.39
C THR A 192 19.67 9.46 1.52
N PRO A 193 19.66 8.13 1.71
CA PRO A 193 18.59 7.39 0.97
C PRO A 193 17.23 7.76 1.43
N VAL A 194 16.27 7.78 0.47
CA VAL A 194 14.90 8.17 0.73
C VAL A 194 13.88 7.10 0.25
N PHE A 195 14.32 5.84 0.34
CA PHE A 195 13.48 4.71 -0.12
C PHE A 195 12.27 4.47 0.77
N ASN A 196 12.34 5.03 1.99
CA ASN A 196 11.17 4.98 2.90
C ASN A 196 10.29 6.24 2.96
N LYS A 197 10.52 7.18 2.04
CA LYS A 197 9.69 8.37 1.96
C LYS A 197 8.55 8.06 0.93
N LYS A 198 7.56 8.90 0.99
CA LYS A 198 6.32 8.66 0.28
C LYS A 198 6.47 8.40 -1.25
N PRO A 199 7.25 9.21 -1.95
CA PRO A 199 7.38 8.92 -3.39
C PRO A 199 7.83 7.49 -3.75
N PHE A 200 8.81 7.01 -2.97
CA PHE A 200 9.30 5.65 -3.19
C PHE A 200 8.37 4.58 -2.65
N VAL A 201 7.81 4.79 -1.46
CA VAL A 201 6.92 3.86 -0.84
C VAL A 201 5.71 3.65 -1.76
N ASP A 202 5.12 4.76 -2.27
CA ASP A 202 3.98 4.63 -3.20
C ASP A 202 4.37 3.94 -4.49
N THR A 203 5.61 4.08 -4.90
CA THR A 203 6.16 3.37 -6.08
C THR A 203 6.11 1.85 -5.88
N VAL A 204 6.61 1.41 -4.73
CA VAL A 204 6.62 0.00 -4.43
C VAL A 204 5.19 -0.56 -4.23
N THR A 205 4.30 0.21 -3.61
CA THR A 205 2.90 -0.14 -3.61
C THR A 205 2.31 -0.32 -4.98
N TYR A 206 2.59 0.64 -5.87
CA TYR A 206 2.12 0.54 -7.23
C TYR A 206 2.62 -0.73 -7.97
N LEU A 207 3.88 -1.01 -7.85
CA LEU A 207 4.44 -2.26 -8.46
C LEU A 207 3.80 -3.49 -7.83
N ASP A 208 3.59 -3.45 -6.49
CA ASP A 208 3.00 -4.59 -5.84
C ASP A 208 1.55 -4.77 -6.25
N SER A 209 0.88 -3.66 -6.68
CA SER A 209 -0.51 -3.76 -7.09
C SER A 209 -0.69 -4.78 -8.19
N PHE A 210 0.24 -4.86 -9.12
CA PHE A 210 0.14 -5.83 -10.19
C PHE A 210 0.27 -7.26 -9.69
N ILE A 211 1.14 -7.43 -8.70
CA ILE A 211 1.32 -8.74 -8.10
C ILE A 211 0.03 -9.11 -7.38
N LYS A 212 -0.45 -8.23 -6.51
CA LYS A 212 -1.58 -8.56 -5.65
C LYS A 212 -2.89 -8.77 -6.45
N ASN A 213 -3.07 -8.03 -7.54
CA ASN A 213 -4.29 -8.19 -8.33
C ASN A 213 -4.19 -9.25 -9.44
N GLY A 214 -3.06 -9.94 -9.49
CA GLY A 214 -2.91 -11.06 -10.37
C GLY A 214 -2.52 -10.74 -11.80
N SER A 215 -2.23 -9.48 -12.10
CA SER A 215 -1.84 -9.07 -13.42
C SER A 215 -0.35 -9.21 -13.74
N ALA A 216 0.52 -9.38 -12.74
CA ALA A 216 1.91 -9.72 -12.96
C ALA A 216 2.14 -11.05 -12.30
N PRO A 217 2.88 -11.96 -12.95
CA PRO A 217 3.16 -13.24 -12.31
C PRO A 217 3.95 -13.05 -11.02
N ASP A 218 3.58 -13.86 -10.00
CA ASP A 218 4.26 -13.79 -8.73
C ASP A 218 5.32 -14.88 -8.52
N THR A 219 5.64 -15.63 -9.61
CA THR A 219 6.71 -16.60 -9.61
C THR A 219 7.24 -16.62 -11.01
N ASP A 220 8.43 -17.21 -11.17
CA ASP A 220 9.00 -17.41 -12.48
C ASP A 220 8.24 -18.59 -13.20
N LEU A 221 7.54 -18.32 -14.25
CA LEU A 221 6.72 -19.30 -14.95
C LEU A 221 7.55 -20.28 -15.80
N GLY A 222 8.83 -19.93 -16.04
CA GLY A 222 9.78 -20.74 -16.76
C GLY A 222 9.57 -20.76 -18.28
N LEU A 223 8.98 -19.71 -18.80
CA LEU A 223 8.74 -19.57 -20.19
C LEU A 223 9.79 -18.67 -20.81
N ASP A 224 10.20 -18.97 -22.04
CA ASP A 224 11.04 -17.99 -22.76
C ASP A 224 10.21 -16.85 -23.28
N ALA A 225 10.88 -15.81 -23.84
CA ALA A 225 10.13 -14.60 -24.33
C ALA A 225 9.11 -14.96 -25.37
N SER A 226 9.47 -15.84 -26.31
CA SER A 226 8.59 -16.32 -27.34
C SER A 226 7.33 -16.99 -26.79
N GLN A 227 7.49 -17.81 -25.76
CA GLN A 227 6.35 -18.51 -25.21
C GLN A 227 5.47 -17.58 -24.35
N SER A 228 6.05 -16.56 -23.70
CA SER A 228 5.22 -15.77 -22.80
C SER A 228 4.53 -14.62 -23.59
N PHE A 229 5.24 -13.98 -24.53
CA PHE A 229 4.80 -12.82 -25.29
C PHE A 229 4.15 -13.15 -26.57
N GLY A 230 4.62 -14.22 -27.18
CA GLY A 230 4.11 -14.78 -28.40
C GLY A 230 2.83 -15.57 -28.14
N GLY A 231 2.40 -16.33 -29.14
CA GLY A 231 1.19 -17.11 -29.01
C GLY A 231 -0.01 -16.30 -28.58
N ASP A 232 -0.73 -16.72 -27.53
CA ASP A 232 -1.88 -15.94 -27.05
C ASP A 232 -1.47 -14.85 -26.05
N GLY A 233 -0.16 -14.65 -25.87
CA GLY A 233 0.31 -13.54 -25.04
C GLY A 233 -0.05 -13.64 -23.57
N ILE A 234 0.45 -14.73 -22.95
CA ILE A 234 0.32 -14.98 -21.52
C ILE A 234 0.83 -13.77 -20.71
N VAL A 235 1.96 -13.20 -21.15
CA VAL A 235 2.52 -11.96 -20.59
C VAL A 235 2.62 -10.95 -21.74
N PRO A 236 1.57 -10.09 -21.91
CA PRO A 236 1.42 -9.31 -23.11
C PRO A 236 2.09 -7.96 -23.10
N MET A 237 2.77 -7.62 -22.01
CA MET A 237 3.52 -6.40 -21.83
C MET A 237 4.67 -6.68 -20.84
N PHE A 238 5.79 -6.01 -21.16
CA PHE A 238 6.98 -6.07 -20.31
C PHE A 238 7.92 -4.94 -20.65
N MET A 239 8.97 -4.78 -19.85
CA MET A 239 9.97 -3.76 -20.04
C MET A 239 11.31 -4.42 -20.29
N SER A 240 12.01 -3.97 -21.31
CA SER A 240 13.40 -4.41 -21.50
C SER A 240 14.16 -3.46 -22.42
N GLY A 241 15.34 -3.92 -22.82
CA GLY A 241 16.23 -3.19 -23.69
C GLY A 241 16.33 -3.81 -25.08
N PRO A 242 17.20 -3.25 -25.90
CA PRO A 242 17.39 -3.67 -27.31
C PRO A 242 17.59 -5.13 -27.55
N TRP A 243 18.33 -5.80 -26.66
CA TRP A 243 18.54 -7.25 -26.80
C TRP A 243 17.25 -8.06 -26.99
N MET A 244 16.11 -7.61 -26.42
CA MET A 244 14.81 -8.26 -26.56
C MET A 244 14.13 -8.02 -27.91
N VAL A 245 14.44 -6.91 -28.58
CA VAL A 245 14.03 -6.75 -29.93
C VAL A 245 14.59 -7.87 -30.83
N ASN A 246 15.88 -8.01 -30.75
CA ASN A 246 16.59 -9.06 -31.46
C ASN A 246 16.10 -10.49 -31.14
N THR A 247 15.91 -10.75 -29.86
CA THR A 247 15.42 -12.04 -29.40
C THR A 247 14.00 -12.32 -29.98
N LEU A 248 13.10 -11.35 -29.86
CA LEU A 248 11.76 -11.53 -30.38
C LEU A 248 11.69 -11.70 -31.89
N LYS A 249 12.48 -10.93 -32.65
CA LYS A 249 12.49 -11.08 -34.11
C LYS A 249 12.96 -12.46 -34.55
N ASP A 250 13.97 -12.96 -33.88
CA ASP A 250 14.55 -14.29 -34.15
C ASP A 250 13.68 -15.45 -33.69
N THR A 251 12.95 -15.32 -32.59
CA THR A 251 12.33 -16.48 -31.91
C THR A 251 10.83 -16.56 -31.85
N ALA A 252 10.15 -15.46 -32.25
CA ALA A 252 8.69 -15.34 -32.17
C ALA A 252 8.09 -14.92 -33.51
N PRO A 253 8.29 -15.72 -34.54
CA PRO A 253 7.71 -15.37 -35.87
C PRO A 253 6.20 -15.32 -35.92
N ASP A 254 5.54 -16.06 -35.03
CA ASP A 254 4.07 -16.08 -34.99
C ASP A 254 3.41 -14.69 -34.60
N ILE A 255 4.16 -13.74 -34.03
CA ILE A 255 3.58 -12.44 -33.70
C ILE A 255 4.20 -11.31 -34.56
N ASP A 256 4.78 -11.69 -35.68
CA ASP A 256 5.29 -10.70 -36.60
C ASP A 256 4.14 -9.73 -37.00
N GLY A 257 4.34 -8.43 -36.77
CA GLY A 257 3.35 -7.41 -37.03
C GLY A 257 2.27 -7.31 -35.93
N LYS A 258 2.45 -8.00 -34.80
CA LYS A 258 1.48 -8.01 -33.71
C LYS A 258 2.06 -7.49 -32.38
N TRP A 259 3.20 -6.83 -32.45
CA TRP A 259 3.86 -6.31 -31.30
C TRP A 259 4.65 -5.09 -31.72
N ALA A 260 4.93 -4.23 -30.74
CA ALA A 260 5.74 -3.09 -30.95
C ALA A 260 6.41 -2.71 -29.64
N THR A 261 7.22 -1.68 -29.70
CA THR A 261 7.70 -1.03 -28.47
C THR A 261 7.11 0.36 -28.34
N ALA A 262 7.16 0.92 -27.16
CA ALA A 262 6.71 2.25 -26.91
C ALA A 262 7.53 2.83 -25.77
N VAL A 263 7.60 4.17 -25.67
CA VAL A 263 8.27 4.79 -24.52
C VAL A 263 7.50 4.40 -23.24
N LEU A 264 8.21 4.45 -22.14
CA LEU A 264 7.64 4.11 -20.89
C LEU A 264 6.44 4.98 -20.54
N PRO A 265 5.45 4.36 -19.87
CA PRO A 265 4.38 5.17 -19.31
C PRO A 265 4.89 6.20 -18.28
N LYS A 266 4.20 7.33 -18.19
CA LYS A 266 4.57 8.36 -17.27
C LYS A 266 3.79 8.33 -15.98
N LYS A 267 4.43 8.85 -14.93
CA LYS A 267 3.71 9.21 -13.71
C LYS A 267 3.86 10.71 -13.63
N GLU A 268 4.85 11.25 -12.89
CA GLU A 268 5.19 12.66 -13.01
C GLU A 268 6.06 12.83 -14.27
N ASN A 269 6.87 11.81 -14.57
CA ASN A 269 7.72 11.78 -15.80
C ASN A 269 7.82 10.33 -16.22
N ASN A 270 8.40 10.06 -17.39
CA ASN A 270 8.59 8.70 -17.86
C ASN A 270 10.08 8.34 -18.03
N GLU A 271 10.95 8.96 -17.21
CA GLU A 271 12.34 8.66 -17.32
C GLU A 271 12.65 7.14 -17.24
N SER A 272 13.54 6.66 -18.13
CA SER A 272 14.11 5.33 -18.07
C SER A 272 15.51 5.36 -17.55
N SER A 273 16.16 4.17 -17.46
CA SER A 273 17.48 4.07 -17.06
C SER A 273 18.38 4.12 -18.35
N LEU A 274 19.59 4.62 -18.17
CA LEU A 274 20.65 4.55 -19.15
C LEU A 274 21.68 3.57 -18.66
N GLY A 275 21.91 2.56 -19.48
CA GLY A 275 22.94 1.60 -19.18
C GLY A 275 23.80 1.24 -20.38
N GLY A 276 24.32 0.01 -20.32
CA GLY A 276 25.11 -0.58 -21.35
C GLY A 276 26.44 -1.04 -20.74
N ALA A 277 27.48 -1.02 -21.59
CA ALA A 277 28.79 -1.40 -21.17
C ALA A 277 29.88 -0.50 -21.77
N ASN A 278 30.98 -0.49 -21.07
CA ASN A 278 32.22 0.20 -21.42
C ASN A 278 33.34 -0.82 -21.55
N LEU A 279 34.39 -0.50 -22.31
CA LEU A 279 35.63 -1.25 -22.27
C LEU A 279 36.60 -0.49 -21.40
N SER A 280 37.27 -1.24 -20.52
CA SER A 280 38.21 -0.73 -19.55
C SER A 280 39.42 -1.65 -19.54
N ILE A 281 40.51 -1.09 -19.07
CA ILE A 281 41.75 -1.81 -18.91
C ILE A 281 41.93 -2.13 -17.42
N PHE A 282 42.18 -3.39 -17.14
CA PHE A 282 42.34 -3.82 -15.76
C PHE A 282 43.72 -3.21 -15.33
N LYS A 283 43.75 -2.66 -14.14
CA LYS A 283 44.88 -1.90 -13.72
C LYS A 283 46.13 -2.77 -13.59
N TYR A 284 45.98 -4.06 -13.28
CA TYR A 284 47.11 -4.99 -13.09
C TYR A 284 47.59 -5.65 -14.41
N SER A 285 47.03 -5.26 -15.54
CA SER A 285 47.43 -5.82 -16.83
C SER A 285 48.88 -5.55 -17.19
N ASN A 286 49.55 -6.57 -17.72
CA ASN A 286 50.91 -6.46 -18.28
C ASN A 286 50.93 -6.07 -19.77
N LYS A 287 49.76 -5.79 -20.35
CA LYS A 287 49.67 -5.56 -21.78
C LYS A 287 48.84 -4.33 -22.03
N LYS A 288 49.14 -3.24 -21.32
CA LYS A 288 48.28 -2.06 -21.39
C LYS A 288 48.24 -1.49 -22.80
N ASP A 289 49.41 -1.45 -23.45
CA ASP A 289 49.52 -1.03 -24.84
C ASP A 289 48.62 -1.85 -25.78
N ASP A 290 48.69 -3.16 -25.71
CA ASP A 290 47.86 -4.00 -26.58
C ASP A 290 46.40 -3.91 -26.24
N ALA A 291 46.08 -3.81 -24.95
CA ALA A 291 44.69 -3.53 -24.49
C ALA A 291 44.10 -2.28 -25.14
N LEU A 292 44.87 -1.20 -25.09
CA LEU A 292 44.44 0.09 -25.69
C LEU A 292 44.24 -0.01 -27.23
N LYS A 293 45.12 -0.77 -27.87
CA LYS A 293 45.01 -0.98 -29.31
C LYS A 293 43.72 -1.73 -29.66
N PHE A 294 43.45 -2.75 -28.89
CA PHE A 294 42.20 -3.49 -29.03
C PHE A 294 41.00 -2.58 -28.83
N MET A 295 41.00 -1.80 -27.76
CA MET A 295 39.89 -0.86 -27.51
C MET A 295 39.68 0.12 -28.70
N ASP A 296 40.79 0.67 -29.23
CA ASP A 296 40.76 1.60 -30.30
C ASP A 296 40.22 0.93 -31.52
N TYR A 297 40.75 -0.27 -31.79
CA TYR A 297 40.20 -1.11 -32.83
C TYR A 297 38.68 -1.29 -32.73
N MET A 298 38.18 -1.70 -31.55
CA MET A 298 36.79 -1.96 -31.34
C MET A 298 35.93 -0.68 -31.40
N SER A 299 36.55 0.48 -31.23
CA SER A 299 35.88 1.78 -31.27
C SER A 299 35.77 2.42 -32.69
N GLN A 300 36.36 1.78 -33.71
CA GLN A 300 36.17 2.27 -35.05
C GLN A 300 34.67 2.31 -35.40
N PRO A 301 34.19 3.43 -35.92
CA PRO A 301 32.74 3.60 -36.02
C PRO A 301 31.99 2.66 -36.98
N ASP A 302 32.66 2.27 -38.06
CA ASP A 302 32.08 1.31 -38.94
C ASP A 302 32.06 -0.09 -38.37
N VAL A 303 33.12 -0.49 -37.68
CA VAL A 303 33.20 -1.79 -36.98
C VAL A 303 32.04 -1.84 -35.95
N GLN A 304 31.94 -0.77 -35.16
CA GLN A 304 30.85 -0.63 -34.21
C GLN A 304 29.46 -0.75 -34.84
N LEU A 305 29.17 0.10 -35.81
CA LEU A 305 27.85 0.12 -36.44
C LEU A 305 27.44 -1.21 -37.03
N SER A 306 28.41 -1.97 -37.58
CA SER A 306 28.15 -3.26 -38.21
C SER A 306 27.49 -4.23 -37.20
N TRP A 307 28.13 -4.47 -36.04
CA TRP A 307 27.54 -5.40 -35.04
C TRP A 307 26.35 -4.76 -34.34
N LEU A 308 26.37 -3.44 -34.08
CA LEU A 308 25.25 -2.77 -33.40
C LEU A 308 23.95 -2.92 -34.19
N LYS A 309 24.00 -2.62 -35.46
CA LYS A 309 22.80 -2.71 -36.31
C LYS A 309 22.30 -4.11 -36.45
N ASP A 310 23.23 -5.06 -36.58
CA ASP A 310 22.85 -6.47 -36.78
C ASP A 310 22.08 -6.99 -35.57
N THR A 311 22.41 -6.48 -34.39
CA THR A 311 21.82 -6.93 -33.10
C THR A 311 20.75 -6.00 -32.56
N ASN A 312 20.35 -5.00 -33.35
CA ASN A 312 19.46 -3.94 -32.91
C ASN A 312 19.95 -3.18 -31.68
N SER A 313 21.26 -3.16 -31.43
CA SER A 313 21.83 -2.53 -30.22
C SER A 313 21.98 -1.03 -30.40
N MET A 314 22.02 -0.34 -29.28
CA MET A 314 22.13 1.12 -29.28
C MET A 314 23.56 1.58 -29.19
N PRO A 315 24.02 2.37 -30.19
CA PRO A 315 25.31 3.03 -30.07
C PRO A 315 25.35 3.99 -28.92
N ALA A 316 26.50 4.02 -28.23
CA ALA A 316 26.85 5.11 -27.31
C ALA A 316 27.48 6.34 -27.95
N ARG A 317 27.94 6.21 -29.18
CA ARG A 317 28.57 7.26 -29.93
C ARG A 317 27.44 8.03 -30.64
N MET A 318 27.45 9.37 -30.54
CA MET A 318 26.34 10.16 -30.99
C MET A 318 26.13 10.15 -32.46
N ASP A 319 27.21 10.27 -33.24
CA ASP A 319 27.03 10.45 -34.68
C ASP A 319 26.55 9.18 -35.35
N ALA A 320 26.62 8.03 -34.67
CA ALA A 320 26.05 6.79 -35.18
C ALA A 320 24.53 6.85 -35.41
N TRP A 321 23.85 7.72 -34.62
CA TRP A 321 22.40 7.87 -34.69
C TRP A 321 21.98 8.66 -35.92
N GLU A 322 22.93 9.20 -36.68
CA GLU A 322 22.65 9.76 -37.98
C GLU A 322 22.51 8.69 -39.06
N ASP A 323 22.87 7.45 -38.77
CA ASP A 323 22.75 6.37 -39.75
C ASP A 323 21.25 6.20 -40.02
N ASP A 324 20.92 5.90 -41.29
CA ASP A 324 19.54 5.84 -41.77
C ASP A 324 18.62 4.83 -41.01
N MET A 325 19.12 3.64 -40.71
CA MET A 325 18.38 2.66 -39.88
C MET A 325 18.13 3.21 -38.45
N LEU A 326 19.10 3.86 -37.83
CA LEU A 326 18.89 4.38 -36.51
C LEU A 326 17.85 5.52 -36.47
N LYS A 327 17.79 6.32 -37.52
CA LYS A 327 16.79 7.37 -37.63
C LYS A 327 15.41 6.79 -37.89
N ASN A 328 15.33 5.76 -38.73
CA ASN A 328 14.08 5.34 -39.34
C ASN A 328 13.48 4.00 -38.91
N ASP A 329 14.26 3.08 -38.38
CA ASP A 329 13.75 1.82 -37.92
C ASP A 329 12.76 2.07 -36.73
N PRO A 330 11.58 1.45 -36.74
CA PRO A 330 10.63 1.75 -35.59
C PRO A 330 11.16 1.50 -34.19
N TYR A 331 11.92 0.45 -34.02
CA TYR A 331 12.50 0.14 -32.71
C TYR A 331 13.56 1.18 -32.28
N TYR A 332 14.41 1.51 -33.23
CA TYR A 332 15.40 2.55 -32.91
C TYR A 332 14.77 3.92 -32.65
N LYS A 333 13.67 4.23 -33.34
CA LYS A 333 13.01 5.50 -33.10
C LYS A 333 12.55 5.59 -31.63
N VAL A 334 11.92 4.50 -31.15
CA VAL A 334 11.47 4.46 -29.75
C VAL A 334 12.66 4.50 -28.75
N PHE A 335 13.69 3.70 -29.02
CA PHE A 335 14.88 3.72 -28.12
C PHE A 335 15.52 5.08 -28.12
N GLY A 336 15.65 5.70 -29.30
CA GLY A 336 16.22 7.02 -29.41
C GLY A 336 15.42 8.07 -28.67
N GLU A 337 14.10 7.99 -28.78
CA GLU A 337 13.21 8.85 -28.01
C GLU A 337 13.38 8.67 -26.50
N GLN A 338 13.39 7.42 -26.02
CA GLN A 338 13.57 7.19 -24.62
C GLN A 338 14.98 7.67 -24.12
N MET A 339 15.97 7.50 -24.96
CA MET A 339 17.34 7.79 -24.58
C MET A 339 17.52 9.26 -24.22
N LYS A 340 16.68 10.12 -24.82
CA LYS A 340 16.76 11.54 -24.63
C LYS A 340 16.81 11.96 -23.16
N THR A 341 16.07 11.26 -22.35
CA THR A 341 15.97 11.60 -20.92
C THR A 341 16.39 10.45 -20.02
N ALA A 342 17.04 9.45 -20.60
CA ALA A 342 17.43 8.31 -19.80
C ALA A 342 18.58 8.71 -18.86
N GLU A 343 18.55 8.24 -17.63
CA GLU A 343 19.61 8.51 -16.69
C GLU A 343 20.21 7.24 -16.12
N PRO A 344 21.53 7.21 -15.95
CA PRO A 344 22.11 6.04 -15.26
C PRO A 344 21.56 5.87 -13.87
N MET A 345 21.51 4.62 -13.44
CA MET A 345 21.36 4.38 -12.02
C MET A 345 22.36 5.19 -11.21
N PRO A 346 22.06 5.44 -9.91
CA PRO A 346 22.97 6.23 -9.07
C PRO A 346 24.43 5.69 -9.19
N LEU A 347 25.31 6.60 -9.52
CA LEU A 347 26.66 6.29 -9.86
C LEU A 347 27.43 6.26 -8.58
N ILE A 348 27.11 5.25 -7.78
CA ILE A 348 27.71 5.12 -6.44
C ILE A 348 28.38 3.74 -6.34
N PRO A 349 29.45 3.65 -5.53
CA PRO A 349 30.21 2.40 -5.52
C PRO A 349 29.51 1.22 -4.86
N GLN A 350 28.47 1.44 -4.07
N GLN A 350 28.47 1.44 -4.07
CA GLN A 350 27.72 0.33 -3.50
CA GLN A 350 27.73 0.33 -3.50
C GLN A 350 26.43 0.02 -4.28
C GLN A 350 26.43 0.02 -4.28
N PHE A 351 26.32 0.48 -5.53
CA PHE A 351 25.11 0.32 -6.27
C PHE A 351 24.60 -1.12 -6.35
N GLU A 352 25.45 -2.08 -6.75
CA GLU A 352 24.97 -3.46 -6.91
C GLU A 352 24.49 -4.02 -5.58
N GLU A 353 25.22 -3.72 -4.52
CA GLU A 353 24.88 -4.21 -3.20
C GLU A 353 23.50 -3.66 -2.79
N ILE A 354 23.31 -2.40 -3.11
CA ILE A 354 22.04 -1.72 -2.77
C ILE A 354 20.89 -2.30 -3.64
N ALA A 355 21.16 -2.56 -4.91
CA ALA A 355 20.18 -3.16 -5.80
C ALA A 355 19.79 -4.56 -5.35
N GLN A 356 20.76 -5.34 -4.88
CA GLN A 356 20.47 -6.68 -4.37
C GLN A 356 19.67 -6.61 -3.04
N LEU A 357 19.98 -5.65 -2.20
CA LEU A 357 19.12 -5.38 -1.01
C LEU A 357 17.69 -4.97 -1.41
N TYR A 358 17.54 -4.16 -2.43
CA TYR A 358 16.21 -3.84 -2.94
C TYR A 358 15.52 -5.12 -3.39
N GLY A 359 16.25 -5.95 -4.15
CA GLY A 359 15.71 -7.24 -4.59
C GLY A 359 15.20 -8.10 -3.45
N LYS A 360 15.96 -8.20 -2.37
CA LYS A 360 15.49 -8.98 -1.22
C LYS A 360 14.26 -8.37 -0.56
N SER A 361 14.23 -7.05 -0.44
CA SER A 361 13.03 -6.37 0.13
C SER A 361 11.80 -6.52 -0.80
N TRP A 362 12.02 -6.42 -2.10
CA TRP A 362 10.97 -6.69 -3.09
C TRP A 362 10.40 -8.07 -2.92
N GLU A 363 11.27 -9.08 -2.79
CA GLU A 363 10.87 -10.47 -2.59
C GLU A 363 10.02 -10.62 -1.31
N GLN A 364 10.46 -10.00 -0.23
CA GLN A 364 9.69 -9.96 1.02
C GLN A 364 8.27 -9.43 0.79
N ILE A 365 8.14 -8.40 -0.03
CA ILE A 365 6.83 -7.82 -0.39
C ILE A 365 6.05 -8.75 -1.34
N TYR A 366 6.59 -9.06 -2.51
CA TYR A 366 5.76 -9.74 -3.48
C TYR A 366 5.52 -11.20 -3.15
N ARG A 367 6.45 -11.83 -2.44
CA ARG A 367 6.31 -13.22 -2.14
C ARG A 367 5.97 -13.44 -0.71
N GLY A 368 6.57 -12.68 0.20
CA GLY A 368 6.36 -12.88 1.63
C GLY A 368 5.16 -12.12 2.15
N GLY A 369 4.59 -11.23 1.34
CA GLY A 369 3.46 -10.42 1.77
C GLY A 369 3.78 -9.36 2.81
N ALA A 370 5.04 -8.95 2.89
CA ALA A 370 5.42 -7.89 3.81
C ALA A 370 4.74 -6.55 3.52
N ASP A 371 4.52 -5.79 4.59
CA ASP A 371 4.07 -4.41 4.49
C ASP A 371 5.13 -3.56 3.75
N VAL A 372 4.68 -2.79 2.79
CA VAL A 372 5.61 -1.97 1.96
C VAL A 372 6.29 -0.89 2.82
N GLN A 373 5.54 -0.10 3.58
CA GLN A 373 6.22 0.89 4.46
C GLN A 373 7.25 0.28 5.43
N THR A 374 6.86 -0.79 6.13
CA THR A 374 7.73 -1.45 7.09
C THR A 374 8.95 -1.99 6.43
N GLN A 375 8.75 -2.66 5.31
CA GLN A 375 9.87 -3.16 4.52
C GLN A 375 10.82 -2.09 3.94
N MET A 376 10.25 -0.99 3.43
CA MET A 376 11.06 0.12 2.97
C MET A 376 11.80 0.85 4.12
N ASP A 377 11.22 0.91 5.31
CA ASP A 377 11.98 1.39 6.44
C ASP A 377 13.18 0.49 6.68
N THR A 378 12.96 -0.82 6.65
CA THR A 378 13.99 -1.81 6.85
C THR A 378 15.12 -1.63 5.77
N PHE A 379 14.69 -1.54 4.54
CA PHE A 379 15.60 -1.36 3.38
C PHE A 379 16.39 -0.08 3.51
N ASN A 380 15.71 1.03 3.77
CA ASN A 380 16.40 2.32 3.91
C ASN A 380 17.44 2.27 4.99
N ASP A 381 17.09 1.68 6.13
CA ASP A 381 18.04 1.49 7.24
C ASP A 381 19.26 0.67 6.84
N GLN A 382 19.06 -0.42 6.14
CA GLN A 382 20.13 -1.18 5.55
C GLN A 382 21.04 -0.33 4.68
N VAL A 383 20.43 0.49 3.83
CA VAL A 383 21.22 1.31 2.94
C VAL A 383 22.04 2.36 3.76
N GLU A 384 21.42 3.01 4.76
CA GLU A 384 22.12 3.99 5.59
C GLU A 384 23.25 3.31 6.31
N ALA A 385 23.05 2.07 6.74
CA ALA A 385 24.09 1.35 7.50
C ALA A 385 25.30 1.09 6.60
N LEU A 386 25.03 0.75 5.33
CA LEU A 386 26.13 0.53 4.36
C LEU A 386 26.92 1.79 4.15
N LEU A 387 26.18 2.87 3.91
CA LEU A 387 26.79 4.16 3.66
C LEU A 387 27.65 4.62 4.85
N LYS A 388 27.19 4.34 6.06
CA LYS A 388 27.93 4.69 7.26
C LYS A 388 29.21 3.88 7.37
N LYS A 389 29.16 2.60 7.02
CA LYS A 389 30.37 1.80 7.00
C LYS A 389 31.42 2.39 6.06
N LEU A 390 31.02 2.79 4.86
CA LEU A 390 31.93 3.40 3.92
C LEU A 390 32.48 4.74 4.43
N GLU A 391 31.60 5.58 4.95
CA GLU A 391 32.00 6.80 5.67
C GLU A 391 33.06 6.53 6.76
N HIS A 392 32.88 5.51 7.61
CA HIS A 392 33.84 5.20 8.70
C HIS A 392 35.18 4.87 8.09
N HIS A 393 35.21 4.10 7.00
CA HIS A 393 36.45 3.85 6.26
C HIS A 393 37.18 5.14 5.85
N HIS A 394 36.44 6.17 5.44
CA HIS A 394 37.01 7.48 5.06
C HIS A 394 37.33 8.49 6.20
N HIS A 395 37.01 8.17 7.46
CA HIS A 395 37.09 9.12 8.59
C HIS A 395 37.75 8.58 9.88
N HIS A 396 38.89 7.91 9.78
CA HIS A 396 39.69 7.62 11.00
C HIS A 396 41.16 7.72 10.70
N SER B 9 -51.26 -10.18 25.10
CA SER B 9 -52.19 -9.10 24.58
C SER B 9 -51.80 -7.71 25.12
N LYS B 10 -51.77 -7.56 26.44
CA LYS B 10 -51.42 -6.30 27.15
C LYS B 10 -49.93 -6.28 27.60
N VAL B 11 -49.16 -7.35 27.37
CA VAL B 11 -47.74 -7.34 27.72
C VAL B 11 -47.02 -6.37 26.75
N LEU B 12 -46.23 -5.44 27.29
CA LEU B 12 -45.45 -4.56 26.45
C LEU B 12 -44.22 -5.33 25.96
N ASN B 13 -44.06 -5.45 24.65
CA ASN B 13 -42.90 -6.16 24.12
C ASN B 13 -41.78 -5.19 23.84
N VAL B 14 -40.60 -5.47 24.37
CA VAL B 14 -39.45 -4.62 24.24
C VAL B 14 -38.35 -5.47 23.62
N TRP B 15 -37.71 -5.02 22.53
CA TRP B 15 -36.60 -5.73 21.96
C TRP B 15 -35.37 -4.93 22.35
N ALA B 16 -34.41 -5.59 22.98
CA ALA B 16 -33.20 -4.88 23.43
C ALA B 16 -32.01 -5.75 23.13
N MET B 17 -30.80 -5.17 23.25
CA MET B 17 -29.60 -5.87 22.83
C MET B 17 -28.56 -5.99 23.90
N GLY B 18 -27.86 -7.12 23.86
CA GLY B 18 -26.63 -7.31 24.55
C GLY B 18 -26.77 -7.11 26.04
N ASP B 19 -25.73 -6.57 26.64
CA ASP B 19 -25.64 -6.45 28.09
C ASP B 19 -26.58 -5.40 28.64
N GLU B 20 -26.76 -4.31 27.88
CA GLU B 20 -27.65 -3.22 28.32
C GLU B 20 -29.09 -3.69 28.42
N ALA B 21 -29.44 -4.72 27.64
CA ALA B 21 -30.80 -5.29 27.73
C ALA B 21 -31.11 -5.81 29.16
N LYS B 22 -30.09 -6.29 29.87
CA LYS B 22 -30.30 -6.78 31.22
C LYS B 22 -30.58 -5.65 32.20
N SER B 23 -29.90 -4.50 32.06
CA SER B 23 -30.23 -3.30 32.84
C SER B 23 -31.64 -2.87 32.55
N LEU B 24 -32.03 -2.90 31.28
CA LEU B 24 -33.39 -2.49 30.91
C LEU B 24 -34.46 -3.39 31.55
N LYS B 25 -34.26 -4.69 31.46
CA LYS B 25 -35.15 -5.67 32.08
C LYS B 25 -35.27 -5.48 33.59
N GLU B 26 -34.13 -5.27 34.27
CA GLU B 26 -34.14 -5.01 35.71
C GLU B 26 -34.92 -3.71 36.01
N LEU B 27 -34.68 -2.62 35.26
CA LEU B 27 -35.37 -1.36 35.49
C LEU B 27 -36.84 -1.47 35.18
N ALA B 28 -37.17 -2.40 34.28
CA ALA B 28 -38.57 -2.60 33.96
C ALA B 28 -39.38 -3.15 35.12
N GLN B 29 -38.76 -3.82 36.07
CA GLN B 29 -39.53 -4.34 37.23
C GLN B 29 -40.24 -3.22 37.96
N LYS B 30 -39.55 -2.11 38.25
CA LYS B 30 -40.20 -1.03 39.00
C LYS B 30 -41.34 -0.39 38.16
N PHE B 31 -41.13 -0.27 36.84
CA PHE B 31 -42.15 0.21 35.96
C PHE B 31 -43.44 -0.63 36.07
N THR B 32 -43.27 -1.96 36.04
CA THR B 32 -44.40 -2.88 36.20
C THR B 32 -45.06 -2.77 37.58
N LYS B 33 -44.22 -2.61 38.59
CA LYS B 33 -44.72 -2.41 39.97
C LYS B 33 -45.59 -1.16 40.07
N ASP B 34 -45.18 -0.10 39.41
CA ASP B 34 -45.83 1.21 39.54
C ASP B 34 -47.02 1.35 38.63
N THR B 35 -47.11 0.56 37.58
CA THR B 35 -48.17 0.75 36.62
C THR B 35 -49.17 -0.44 36.51
N GLY B 36 -48.75 -1.64 36.89
CA GLY B 36 -49.40 -2.89 36.41
C GLY B 36 -49.25 -3.26 34.90
N ILE B 37 -48.35 -2.62 34.20
CA ILE B 37 -48.03 -2.97 32.81
C ILE B 37 -46.87 -4.00 32.88
N GLU B 38 -47.16 -5.23 32.51
CA GLU B 38 -46.15 -6.27 32.37
C GLU B 38 -45.31 -5.95 31.12
N VAL B 39 -43.99 -6.23 31.21
CA VAL B 39 -43.03 -5.97 30.13
C VAL B 39 -42.28 -7.29 29.86
N LYS B 40 -42.10 -7.61 28.58
CA LYS B 40 -41.36 -8.81 28.18
C LYS B 40 -40.22 -8.29 27.29
N VAL B 41 -38.99 -8.50 27.75
CA VAL B 41 -37.78 -7.99 27.07
C VAL B 41 -37.14 -9.16 26.31
N GLN B 42 -37.03 -9.08 24.98
CA GLN B 42 -36.24 -10.08 24.22
C GLN B 42 -34.84 -9.56 24.17
N VAL B 43 -33.86 -10.39 24.55
CA VAL B 43 -32.47 -9.99 24.64
C VAL B 43 -31.78 -10.54 23.38
N ILE B 44 -31.41 -9.64 22.46
CA ILE B 44 -30.95 -10.01 21.14
C ILE B 44 -29.46 -9.63 21.03
N PRO B 45 -28.58 -10.57 20.62
CA PRO B 45 -27.20 -10.13 20.40
C PRO B 45 -27.12 -9.08 19.27
N TRP B 46 -26.22 -8.10 19.45
CA TRP B 46 -25.93 -7.11 18.40
C TRP B 46 -25.64 -7.72 17.02
N ALA B 47 -24.93 -8.83 16.95
CA ALA B 47 -24.63 -9.48 15.66
C ALA B 47 -25.86 -10.03 14.96
N ASN B 48 -26.96 -10.21 15.67
CA ASN B 48 -28.20 -10.71 15.06
C ASN B 48 -29.34 -9.67 15.01
N ALA B 49 -29.11 -8.50 15.58
CA ALA B 49 -30.21 -7.57 15.75
C ALA B 49 -30.67 -6.97 14.42
N HIS B 50 -29.72 -6.66 13.50
CA HIS B 50 -30.15 -6.08 12.23
C HIS B 50 -31.10 -7.02 11.44
N ASP B 51 -30.74 -8.30 11.38
CA ASP B 51 -31.63 -9.32 10.74
C ASP B 51 -32.98 -9.41 11.36
N LYS B 52 -33.00 -9.42 12.70
CA LYS B 52 -34.28 -9.49 13.43
C LYS B 52 -35.16 -8.29 13.06
N LEU B 53 -34.56 -7.11 12.97
CA LEU B 53 -35.28 -5.90 12.53
C LEU B 53 -35.77 -6.00 11.08
N LEU B 54 -34.95 -6.52 10.18
CA LEU B 54 -35.43 -6.70 8.79
C LEU B 54 -36.69 -7.59 8.70
N THR B 55 -36.65 -8.68 9.47
CA THR B 55 -37.76 -9.60 9.55
C THR B 55 -39.05 -8.95 10.10
N ALA B 56 -38.90 -8.13 11.13
CA ALA B 56 -40.04 -7.40 11.69
C ALA B 56 -40.72 -6.47 10.72
N VAL B 57 -39.91 -5.71 9.94
CA VAL B 57 -40.41 -4.87 8.87
C VAL B 57 -41.14 -5.72 7.80
N ALA B 58 -40.51 -6.80 7.36
CA ALA B 58 -41.09 -7.59 6.28
C ALA B 58 -42.41 -8.21 6.67
N SER B 59 -42.58 -8.57 7.93
CA SER B 59 -43.81 -9.15 8.43
C SER B 59 -44.72 -8.15 9.13
N LYS B 60 -44.31 -6.91 9.29
CA LYS B 60 -45.06 -5.88 10.03
C LYS B 60 -45.49 -6.26 11.42
N SER B 61 -44.66 -7.03 12.10
CA SER B 61 -44.97 -7.42 13.42
C SER B 61 -43.63 -7.54 14.16
N GLY B 62 -43.60 -7.01 15.33
CA GLY B 62 -42.35 -6.83 16.01
C GLY B 62 -42.71 -6.40 17.38
N PRO B 63 -41.81 -5.70 18.04
CA PRO B 63 -42.05 -5.25 19.38
C PRO B 63 -42.91 -4.03 19.46
N ASP B 64 -43.14 -3.53 20.68
CA ASP B 64 -43.78 -2.24 20.93
C ASP B 64 -42.69 -1.20 21.05
N VAL B 65 -41.72 -1.45 21.94
CA VAL B 65 -40.54 -0.61 22.09
C VAL B 65 -39.35 -1.36 21.53
N VAL B 66 -38.54 -0.63 20.75
CA VAL B 66 -37.34 -1.20 20.21
C VAL B 66 -36.12 -0.31 20.57
N GLN B 67 -35.12 -0.92 21.14
CA GLN B 67 -33.78 -0.34 21.20
C GLN B 67 -33.13 -0.34 19.81
N MET B 68 -32.79 0.84 19.31
CA MET B 68 -32.26 1.01 17.98
C MET B 68 -30.81 1.48 18.09
N GLY B 69 -29.88 0.69 17.53
CA GLY B 69 -28.55 1.14 17.33
C GLY B 69 -28.61 2.42 16.48
N THR B 70 -27.85 3.42 16.87
CA THR B 70 -27.92 4.72 16.23
C THR B 70 -27.67 4.66 14.72
N THR B 71 -26.76 3.78 14.31
CA THR B 71 -26.39 3.70 12.88
C THR B 71 -27.50 3.13 12.00
N TRP B 72 -28.47 2.47 12.63
CA TRP B 72 -29.62 1.87 11.91
C TRP B 72 -30.86 2.78 11.88
N MET B 73 -30.79 3.94 12.55
CA MET B 73 -31.94 4.84 12.53
C MET B 73 -32.38 5.28 11.17
N PRO B 74 -31.45 5.76 10.30
CA PRO B 74 -31.87 6.16 8.95
C PRO B 74 -32.57 5.04 8.20
N GLU B 75 -32.04 3.85 8.34
CA GLU B 75 -32.58 2.70 7.58
C GLU B 75 -34.02 2.40 7.99
N PHE B 76 -34.26 2.37 9.31
CA PHE B 76 -35.59 1.95 9.77
C PHE B 76 -36.62 3.07 9.77
N VAL B 77 -36.15 4.33 9.77
CA VAL B 77 -37.04 5.45 9.45
C VAL B 77 -37.45 5.40 8.01
N GLU B 78 -36.51 5.33 7.12
CA GLU B 78 -36.79 5.12 5.71
C GLU B 78 -37.74 3.94 5.40
N ALA B 79 -37.55 2.82 6.08
CA ALA B 79 -38.48 1.67 5.93
C ALA B 79 -39.92 1.93 6.47
N GLY B 80 -40.14 3.05 7.15
CA GLY B 80 -41.43 3.34 7.77
C GLY B 80 -41.70 2.49 9.03
N ALA B 81 -40.67 1.99 9.68
CA ALA B 81 -40.85 1.08 10.79
C ALA B 81 -40.96 1.76 12.16
N LEU B 82 -40.59 3.02 12.23
CA LEU B 82 -40.51 3.71 13.51
C LEU B 82 -41.52 4.84 13.53
N LEU B 83 -42.26 4.91 14.62
CA LEU B 83 -43.24 5.91 14.83
C LEU B 83 -42.65 7.30 15.01
N ASP B 84 -43.26 8.27 14.32
CA ASP B 84 -43.00 9.68 14.53
C ASP B 84 -43.58 10.11 15.89
N ILE B 85 -42.70 10.47 16.81
CA ILE B 85 -43.13 10.82 18.18
C ILE B 85 -42.75 12.25 18.51
N THR B 86 -42.63 13.09 17.47
CA THR B 86 -42.17 14.50 17.60
C THR B 86 -42.99 15.25 18.65
N LYS B 87 -44.30 15.18 18.50
CA LYS B 87 -45.18 15.92 19.41
C LYS B 87 -45.09 15.38 20.82
N ASP B 88 -44.97 14.07 20.96
CA ASP B 88 -44.94 13.41 22.27
C ASP B 88 -43.65 13.63 23.06
N VAL B 89 -42.50 13.78 22.40
CA VAL B 89 -41.25 14.07 23.11
C VAL B 89 -41.06 15.57 23.40
N GLU B 90 -41.64 16.41 22.54
CA GLU B 90 -41.72 17.84 22.79
C GLU B 90 -42.46 18.16 24.10
N LYS B 91 -43.55 17.46 24.36
CA LYS B 91 -44.32 17.58 25.59
C LYS B 91 -43.61 17.07 26.85
N SER B 92 -42.96 15.92 26.72
CA SER B 92 -42.45 15.14 27.88
C SER B 92 -41.51 15.94 28.75
N LYS B 93 -41.47 15.69 30.06
CA LYS B 93 -40.40 16.32 30.84
C LYS B 93 -39.03 15.77 30.43
N ASN B 94 -38.93 14.47 30.21
CA ASN B 94 -37.58 13.85 30.16
C ASN B 94 -37.06 13.40 28.79
N MET B 95 -37.84 13.60 27.72
CA MET B 95 -37.45 13.16 26.38
C MET B 95 -37.23 14.28 25.37
N ASN B 96 -37.40 15.54 25.79
CA ASN B 96 -37.21 16.67 24.84
C ASN B 96 -35.74 16.71 24.36
N SER B 97 -35.58 17.04 23.06
CA SER B 97 -34.27 16.92 22.38
C SER B 97 -33.19 17.83 22.95
N ASP B 98 -33.62 19.02 23.41
CA ASP B 98 -32.70 20.01 23.97
C ASP B 98 -31.90 19.44 25.13
N LEU B 99 -32.36 18.37 25.78
CA LEU B 99 -31.61 17.74 26.87
C LEU B 99 -30.38 16.91 26.44
N PHE B 100 -30.30 16.55 25.16
CA PHE B 100 -29.36 15.54 24.70
C PHE B 100 -28.28 16.18 23.86
N PHE B 101 -27.12 15.54 23.78
CA PHE B 101 -26.07 16.03 22.90
C PHE B 101 -26.59 16.19 21.46
N PRO B 102 -26.25 17.34 20.81
CA PRO B 102 -26.66 17.53 19.43
C PRO B 102 -26.33 16.32 18.52
N GLY B 103 -25.16 15.75 18.67
CA GLY B 103 -24.74 14.59 17.89
C GLY B 103 -25.67 13.40 18.10
N SER B 104 -26.09 13.15 19.34
CA SER B 104 -27.03 12.08 19.64
C SER B 104 -28.43 12.36 19.04
N VAL B 105 -28.85 13.63 19.14
CA VAL B 105 -30.12 14.03 18.59
C VAL B 105 -30.17 13.89 17.07
N LYS B 106 -29.05 14.14 16.36
CA LYS B 106 -29.00 13.90 14.92
C LYS B 106 -29.38 12.49 14.55
N THR B 107 -29.14 11.53 15.43
CA THR B 107 -29.51 10.15 15.17
C THR B 107 -31.00 9.87 15.33
N THR B 108 -31.76 10.82 15.91
CA THR B 108 -33.17 10.68 16.12
C THR B 108 -34.06 11.50 15.21
N GLN B 109 -33.52 12.52 14.55
CA GLN B 109 -34.32 13.51 13.84
C GLN B 109 -34.07 13.39 12.37
N PHE B 110 -35.13 13.23 11.59
CA PHE B 110 -35.07 13.13 10.14
C PHE B 110 -36.24 13.83 9.54
N ASP B 111 -35.97 14.70 8.57
CA ASP B 111 -37.00 15.48 7.89
C ASP B 111 -37.93 16.20 8.87
N GLY B 112 -37.32 16.88 9.84
CA GLY B 112 -38.06 17.62 10.85
C GLY B 112 -38.88 16.84 11.87
N LYS B 113 -38.75 15.51 11.90
CA LYS B 113 -39.55 14.64 12.74
C LYS B 113 -38.60 13.82 13.65
N THR B 114 -39.07 13.50 14.86
CA THR B 114 -38.29 12.79 15.85
C THR B 114 -38.83 11.35 15.94
N TYR B 115 -37.91 10.37 15.88
CA TYR B 115 -38.22 8.95 15.80
C TYR B 115 -37.68 8.11 16.98
N GLY B 116 -37.14 8.75 18.01
CA GLY B 116 -36.67 8.05 19.17
C GLY B 116 -36.16 9.00 20.19
N VAL B 117 -35.70 8.44 21.32
CA VAL B 117 -35.11 9.24 22.37
C VAL B 117 -33.78 8.58 22.65
N PRO B 118 -32.70 9.38 22.73
CA PRO B 118 -31.40 8.82 23.04
C PRO B 118 -31.46 8.06 24.35
N TRP B 119 -30.92 6.82 24.37
CA TRP B 119 -30.88 6.06 25.61
C TRP B 119 -29.49 6.06 26.28
N TYR B 120 -28.47 5.78 25.47
CA TYR B 120 -27.08 5.97 25.85
C TYR B 120 -26.27 6.35 24.58
N ALA B 121 -25.15 7.01 24.80
CA ALA B 121 -24.16 7.36 23.79
C ALA B 121 -22.94 6.48 24.01
N GLU B 122 -22.06 6.45 22.98
CA GLU B 122 -20.73 5.90 23.11
C GLU B 122 -19.80 6.54 22.09
N THR B 123 -18.53 6.44 22.39
CA THR B 123 -17.51 6.77 21.38
C THR B 123 -16.38 5.79 21.56
N ARG B 124 -15.49 5.74 20.55
CA ARG B 124 -14.38 4.80 20.63
C ARG B 124 -13.08 5.48 21.00
N VAL B 125 -12.35 4.81 21.88
CA VAL B 125 -11.07 5.26 22.42
C VAL B 125 -10.06 4.09 22.40
N LEU B 126 -8.80 4.45 22.69
CA LEU B 126 -7.67 3.53 22.68
C LEU B 126 -7.53 2.89 24.04
N PHE B 127 -7.52 1.57 24.09
CA PHE B 127 -7.23 0.84 25.34
C PHE B 127 -5.79 0.35 25.22
N TYR B 128 -5.01 0.54 26.25
CA TYR B 128 -3.66 0.07 26.23
C TYR B 128 -3.11 -0.38 27.59
N ARG B 129 -2.17 -1.31 27.49
CA ARG B 129 -1.38 -1.78 28.66
C ARG B 129 -0.24 -0.81 28.95
N THR B 130 -0.34 -0.09 30.05
CA THR B 130 0.58 0.97 30.36
C THR B 130 1.96 0.43 30.67
N ASP B 131 1.98 -0.73 31.33
CA ASP B 131 3.26 -1.40 31.65
C ASP B 131 3.97 -1.87 30.38
N LEU B 132 3.22 -2.43 29.45
CA LEU B 132 3.84 -2.96 28.22
C LEU B 132 4.24 -1.85 27.27
N LEU B 133 3.45 -0.78 27.19
CA LEU B 133 3.87 0.40 26.39
C LEU B 133 5.16 0.98 26.96
N LYS B 134 5.25 1.07 28.28
CA LYS B 134 6.45 1.67 28.89
C LYS B 134 7.73 0.87 28.56
N LYS B 135 7.56 -0.43 28.49
CA LYS B 135 8.64 -1.35 28.20
C LYS B 135 9.20 -1.23 26.77
N VAL B 136 8.37 -0.76 25.83
CA VAL B 136 8.85 -0.49 24.48
C VAL B 136 9.11 1.01 24.26
N GLY B 137 9.25 1.75 25.38
CA GLY B 137 9.68 3.15 25.35
C GLY B 137 8.59 4.21 25.31
N TYR B 138 7.32 3.79 25.47
CA TYR B 138 6.15 4.70 25.44
C TYR B 138 5.60 4.93 26.88
N ASN B 139 6.03 6.04 27.48
CA ASN B 139 5.56 6.49 28.75
C ASN B 139 4.15 7.06 28.71
N GLU B 140 3.64 7.40 27.54
CA GLU B 140 2.22 7.77 27.34
C GLU B 140 1.64 6.94 26.18
N ALA B 141 0.32 6.99 25.97
CA ALA B 141 -0.28 6.27 24.87
C ALA B 141 0.26 6.82 23.57
N PRO B 142 0.36 5.99 22.54
CA PRO B 142 0.64 6.55 21.19
C PRO B 142 -0.32 7.67 20.81
N LYS B 143 0.20 8.78 20.26
CA LYS B 143 -0.55 10.02 19.99
C LYS B 143 -0.78 10.28 18.50
N THR B 144 -0.11 9.55 17.63
CA THR B 144 -0.18 9.75 16.20
C THR B 144 -0.24 8.39 15.49
N TRP B 145 -0.73 8.37 14.26
CA TRP B 145 -0.71 7.12 13.48
C TRP B 145 0.68 6.47 13.46
N ASP B 146 1.70 7.30 13.26
CA ASP B 146 3.10 6.82 13.23
C ASP B 146 3.47 6.14 14.57
N GLU B 147 3.14 6.78 15.69
CA GLU B 147 3.38 6.17 16.99
C GLU B 147 2.59 4.89 17.21
N LEU B 148 1.31 4.85 16.82
CA LEU B 148 0.52 3.63 16.94
C LEU B 148 1.19 2.47 16.21
N SER B 149 1.54 2.72 14.95
CA SER B 149 2.31 1.77 14.13
C SER B 149 3.66 1.30 14.78
N ASP B 150 4.41 2.26 15.27
CA ASP B 150 5.72 2.03 15.89
C ASP B 150 5.57 1.21 17.15
N ALA B 151 4.76 1.70 18.09
CA ALA B 151 4.56 0.97 19.35
C ALA B 151 4.02 -0.44 19.04
N ALA B 152 3.05 -0.54 18.16
CA ALA B 152 2.47 -1.86 17.83
C ALA B 152 3.49 -2.86 17.27
N LEU B 153 4.38 -2.40 16.40
CA LEU B 153 5.35 -3.28 15.83
C LEU B 153 6.37 -3.70 16.93
N LYS B 154 6.84 -2.76 17.72
CA LYS B 154 7.79 -3.07 18.82
C LYS B 154 7.17 -4.12 19.80
N LEU B 155 5.88 -3.96 20.09
CA LEU B 155 5.14 -4.93 20.88
C LEU B 155 5.05 -6.29 20.20
N SER B 156 4.74 -6.32 18.88
CA SER B 156 4.68 -7.61 18.17
C SER B 156 6.01 -8.35 18.13
N LYS B 157 7.12 -7.58 18.17
CA LYS B 157 8.48 -8.11 18.21
C LYS B 157 8.86 -8.75 19.52
N ARG B 158 8.01 -8.73 20.56
CA ARG B 158 8.22 -9.55 21.75
C ARG B 158 8.30 -11.05 21.41
N GLY B 159 7.55 -11.50 20.42
CA GLY B 159 7.69 -12.88 19.95
C GLY B 159 6.54 -13.31 19.08
N LYS B 160 6.59 -14.56 18.69
CA LYS B 160 5.82 -15.06 17.54
C LYS B 160 4.30 -14.80 17.59
N ASP B 161 3.72 -15.23 18.69
CA ASP B 161 2.30 -15.15 18.93
C ASP B 161 1.96 -14.01 19.88
N MET B 162 2.80 -12.97 19.88
CA MET B 162 2.53 -11.72 20.58
C MET B 162 2.23 -10.64 19.53
N TYR B 163 1.28 -9.76 19.84
CA TYR B 163 0.82 -8.72 18.91
C TYR B 163 1.04 -7.33 19.51
N GLY B 164 0.56 -6.31 18.77
CA GLY B 164 0.59 -4.93 19.17
C GLY B 164 -0.68 -4.14 19.17
N PHE B 165 -1.67 -4.51 18.34
CA PHE B 165 -2.86 -3.72 18.19
C PHE B 165 -3.96 -4.59 17.51
N ALA B 166 -5.19 -4.49 17.91
CA ALA B 166 -6.25 -5.28 17.29
C ALA B 166 -7.02 -4.42 16.28
N ILE B 167 -7.30 -5.00 15.11
CA ILE B 167 -8.26 -4.47 14.17
C ILE B 167 -9.35 -5.49 14.05
N ASP B 168 -10.57 -5.14 14.51
CA ASP B 168 -11.69 -6.03 14.56
C ASP B 168 -12.29 -6.07 13.14
N PRO B 169 -12.17 -7.20 12.48
CA PRO B 169 -12.66 -7.28 11.08
C PRO B 169 -14.19 -7.16 10.92
N ASN B 170 -14.93 -7.28 12.02
CA ASN B 170 -16.41 -7.14 12.04
C ASN B 170 -16.89 -5.81 12.54
N GLU B 171 -15.96 -4.91 12.90
CA GLU B 171 -16.35 -3.61 13.45
C GLU B 171 -16.68 -2.64 12.34
N GLN B 172 -17.92 -2.24 12.25
CA GLN B 172 -18.40 -1.32 11.18
C GLN B 172 -17.70 0.01 11.17
N THR B 173 -17.33 0.51 12.34
CA THR B 173 -16.74 1.84 12.43
C THR B 173 -15.28 1.99 12.03
N THR B 174 -14.48 0.92 12.10
CA THR B 174 -13.02 1.10 12.12
C THR B 174 -12.46 1.78 10.86
N GLY B 175 -12.78 1.24 9.69
CA GLY B 175 -12.18 1.79 8.48
C GLY B 175 -12.70 3.25 8.28
N PHE B 176 -14.00 3.47 8.57
CA PHE B 176 -14.58 4.81 8.43
C PHE B 176 -13.97 5.83 9.45
N ILE B 177 -13.71 5.38 10.67
CA ILE B 177 -13.07 6.26 11.67
C ILE B 177 -11.71 6.70 11.15
N PHE B 178 -10.86 5.72 10.77
CA PHE B 178 -9.52 6.07 10.34
C PHE B 178 -9.57 6.90 9.04
N GLY B 179 -10.56 6.64 8.19
CA GLY B 179 -10.64 7.35 6.94
C GLY B 179 -10.80 8.85 7.14
N ARG B 180 -11.72 9.20 8.05
CA ARG B 180 -11.95 10.61 8.38
C ARG B 180 -10.74 11.24 9.06
N GLN B 181 -9.99 10.42 9.83
CA GLN B 181 -8.77 10.89 10.44
C GLN B 181 -7.69 11.30 9.40
N ASN B 182 -7.71 10.65 8.25
CA ASN B 182 -6.85 10.97 7.14
C ASN B 182 -7.46 11.93 6.12
N GLY B 183 -8.48 12.65 6.53
CA GLY B 183 -9.04 13.67 5.69
C GLY B 183 -10.08 13.11 4.73
N SER B 184 -10.44 11.83 4.74
CA SER B 184 -11.53 11.40 3.81
C SER B 184 -12.90 11.83 4.37
N PRO B 185 -13.72 12.49 3.53
CA PRO B 185 -15.10 12.70 3.95
C PRO B 185 -16.02 11.47 3.75
N LEU B 186 -15.49 10.42 3.12
CA LEU B 186 -16.19 9.16 2.85
C LEU B 186 -17.15 9.30 1.70
N PHE B 187 -18.03 10.30 1.79
CA PHE B 187 -18.84 10.81 0.61
C PHE B 187 -18.50 12.30 0.45
N ASP B 188 -18.26 12.72 -0.78
CA ASP B 188 -17.87 14.07 -1.07
C ASP B 188 -19.04 15.01 -1.02
N LYS B 189 -18.81 16.27 -1.32
CA LYS B 189 -19.85 17.28 -1.20
C LYS B 189 -21.09 16.96 -2.02
N ASP B 190 -20.95 16.24 -3.14
CA ASP B 190 -22.08 15.85 -3.96
C ASP B 190 -22.75 14.54 -3.54
N GLY B 191 -22.23 13.85 -2.52
CA GLY B 191 -22.71 12.54 -2.10
C GLY B 191 -22.06 11.35 -2.81
N THR B 192 -21.05 11.62 -3.65
CA THR B 192 -20.33 10.55 -4.34
C THR B 192 -19.43 9.82 -3.37
N PRO B 193 -19.49 8.50 -3.27
CA PRO B 193 -18.45 7.83 -2.43
C PRO B 193 -17.07 8.03 -2.97
N VAL B 194 -16.12 8.20 -2.03
CA VAL B 194 -14.71 8.45 -2.35
C VAL B 194 -13.78 7.45 -1.63
N PHE B 195 -14.27 6.22 -1.49
CA PHE B 195 -13.50 5.15 -0.82
C PHE B 195 -12.30 4.68 -1.67
N ASN B 196 -12.37 5.00 -2.97
CA ASN B 196 -11.24 4.76 -3.86
C ASN B 196 -10.33 5.94 -4.18
N LYS B 197 -10.49 7.01 -3.41
CA LYS B 197 -9.59 8.14 -3.49
C LYS B 197 -8.47 7.99 -2.50
N LYS B 198 -7.42 8.74 -2.73
CA LYS B 198 -6.19 8.59 -1.98
C LYS B 198 -6.33 8.62 -0.46
N PRO B 199 -7.09 9.57 0.10
CA PRO B 199 -7.14 9.60 1.56
C PRO B 199 -7.67 8.27 2.20
N PHE B 200 -8.69 7.69 1.54
CA PHE B 200 -9.23 6.43 1.99
C PHE B 200 -8.36 5.24 1.66
N VAL B 201 -7.80 5.21 0.45
CA VAL B 201 -6.96 4.13 0.02
C VAL B 201 -5.75 4.04 0.94
N ASP B 202 -5.11 5.18 1.23
CA ASP B 202 -4.03 5.22 2.18
C ASP B 202 -4.40 4.78 3.59
N THR B 203 -5.64 5.05 3.97
CA THR B 203 -6.19 4.60 5.26
C THR B 203 -6.22 3.08 5.35
N VAL B 204 -6.76 2.45 4.30
CA VAL B 204 -6.82 1.01 4.28
C VAL B 204 -5.43 0.36 4.18
N THR B 205 -4.52 0.95 3.41
CA THR B 205 -3.14 0.56 3.44
C THR B 205 -2.52 0.63 4.83
N TYR B 206 -2.77 1.72 5.53
CA TYR B 206 -2.26 1.88 6.87
C TYR B 206 -2.82 0.80 7.86
N LEU B 207 -4.11 0.55 7.80
CA LEU B 207 -4.68 -0.52 8.65
C LEU B 207 -4.07 -1.89 8.24
N ASP B 208 -3.90 -2.13 6.95
CA ASP B 208 -3.37 -3.40 6.49
C ASP B 208 -1.90 -3.54 6.90
N SER B 209 -1.20 -2.41 7.09
CA SER B 209 0.18 -2.47 7.52
C SER B 209 0.36 -3.28 8.79
N PHE B 210 -0.57 -3.17 9.73
CA PHE B 210 -0.49 -3.94 10.95
C PHE B 210 -0.68 -5.40 10.71
N ILE B 211 -1.63 -5.72 9.82
CA ILE B 211 -1.85 -7.10 9.44
C ILE B 211 -0.58 -7.68 8.78
N LYS B 212 -0.09 -6.99 7.75
CA LYS B 212 1.03 -7.53 6.98
C LYS B 212 2.33 -7.65 7.79
N ASN B 213 2.55 -6.73 8.73
CA ASN B 213 3.76 -6.79 9.54
C ASN B 213 3.67 -7.64 10.79
N GLY B 214 2.50 -8.27 10.98
CA GLY B 214 2.28 -9.20 12.04
C GLY B 214 1.92 -8.58 13.38
N SER B 215 1.72 -7.27 13.45
CA SER B 215 1.34 -6.61 14.69
C SER B 215 -0.14 -6.63 15.05
N ALA B 216 -1.01 -6.93 14.09
CA ALA B 216 -2.43 -7.16 14.36
C ALA B 216 -2.72 -8.59 13.92
N PRO B 217 -3.49 -9.35 14.73
CA PRO B 217 -3.82 -10.70 14.33
C PRO B 217 -4.64 -10.73 13.06
N ASP B 218 -4.35 -11.68 12.19
CA ASP B 218 -5.07 -11.86 10.94
C ASP B 218 -6.11 -12.98 10.99
N THR B 219 -6.40 -13.51 12.19
CA THR B 219 -7.48 -14.46 12.38
C THR B 219 -8.02 -14.18 13.77
N ASP B 220 -9.17 -14.79 14.02
CA ASP B 220 -9.77 -14.78 15.32
C ASP B 220 -9.00 -15.73 16.27
N LEU B 221 -8.36 -15.16 17.29
CA LEU B 221 -7.49 -15.95 18.16
C LEU B 221 -8.29 -16.82 19.14
N GLY B 222 -9.59 -16.55 19.27
CA GLY B 222 -10.49 -17.33 20.13
C GLY B 222 -10.41 -16.96 21.60
N LEU B 223 -9.84 -15.82 21.92
CA LEU B 223 -9.61 -15.40 23.27
C LEU B 223 -10.60 -14.36 23.68
N ASP B 224 -11.05 -14.37 24.92
CA ASP B 224 -11.88 -13.26 25.41
C ASP B 224 -10.96 -12.08 25.76
N ALA B 225 -11.55 -10.94 26.13
CA ALA B 225 -10.79 -9.71 26.42
C ALA B 225 -9.78 -9.94 27.53
N SER B 226 -10.21 -10.61 28.58
CA SER B 226 -9.35 -10.94 29.71
C SER B 226 -8.09 -11.73 29.30
N GLN B 227 -8.29 -12.71 28.44
CA GLN B 227 -7.19 -13.55 28.03
C GLN B 227 -6.24 -12.83 27.02
N SER B 228 -6.75 -11.92 26.21
CA SER B 228 -5.89 -11.33 25.20
C SER B 228 -5.16 -10.08 25.72
N PHE B 229 -5.87 -9.25 26.51
CA PHE B 229 -5.36 -7.94 26.98
C PHE B 229 -4.73 -8.05 28.35
N GLY B 230 -5.29 -8.96 29.14
CA GLY B 230 -4.74 -9.32 30.45
C GLY B 230 -3.53 -10.20 30.31
N GLY B 231 -3.14 -10.81 31.44
CA GLY B 231 -1.97 -11.69 31.49
C GLY B 231 -0.74 -10.99 30.89
N ASP B 232 -0.06 -11.64 29.94
CA ASP B 232 1.11 -11.05 29.32
C ASP B 232 0.78 -10.10 28.17
N GLY B 233 -0.51 -9.87 27.91
CA GLY B 233 -0.89 -8.88 26.92
C GLY B 233 -0.53 -9.29 25.50
N ILE B 234 -1.05 -10.45 25.09
CA ILE B 234 -0.95 -10.96 23.72
C ILE B 234 -1.39 -9.89 22.71
N VAL B 235 -2.51 -9.21 23.03
CA VAL B 235 -3.02 -8.09 22.24
C VAL B 235 -3.09 -6.89 23.20
N PRO B 236 -2.00 -6.05 23.23
CA PRO B 236 -1.83 -5.06 24.26
C PRO B 236 -2.45 -3.71 24.00
N MET B 237 -3.09 -3.55 22.85
CA MET B 237 -3.80 -2.33 22.50
C MET B 237 -4.97 -2.66 21.59
N PHE B 238 -6.06 -1.91 21.77
CA PHE B 238 -7.24 -2.06 20.93
C PHE B 238 -8.13 -0.82 21.05
N MET B 239 -9.20 -0.76 20.24
CA MET B 239 -10.10 0.36 20.28
C MET B 239 -11.48 -0.19 20.64
N SER B 240 -12.14 0.48 21.55
CA SER B 240 -13.54 0.16 21.85
C SER B 240 -14.24 1.27 22.61
N GLY B 241 -15.43 0.92 23.13
CA GLY B 241 -16.28 1.85 23.82
C GLY B 241 -16.38 1.49 25.28
N PRO B 242 -17.24 2.20 26.01
CA PRO B 242 -17.40 2.05 27.47
C PRO B 242 -17.65 0.62 27.93
N TRP B 243 -18.44 -0.15 27.18
CA TRP B 243 -18.72 -1.53 27.55
C TRP B 243 -17.45 -2.35 27.83
N MET B 244 -16.31 -2.06 27.17
CA MET B 244 -15.02 -2.73 27.44
C MET B 244 -14.32 -2.28 28.72
N VAL B 245 -14.57 -1.07 29.18
CA VAL B 245 -14.14 -0.67 30.53
C VAL B 245 -14.77 -1.58 31.58
N ASN B 246 -16.08 -1.71 31.48
CA ASN B 246 -16.83 -2.58 32.35
C ASN B 246 -16.40 -4.02 32.29
N THR B 247 -16.22 -4.55 31.08
CA THR B 247 -15.76 -5.92 30.88
C THR B 247 -14.38 -6.13 31.49
N LEU B 248 -13.44 -5.23 31.24
CA LEU B 248 -12.09 -5.37 31.81
C LEU B 248 -12.06 -5.27 33.34
N LYS B 249 -12.82 -4.37 33.93
CA LYS B 249 -12.86 -4.25 35.41
C LYS B 249 -13.45 -5.48 36.07
N ASP B 250 -14.47 -6.03 35.44
CA ASP B 250 -15.13 -7.24 35.92
C ASP B 250 -14.33 -8.52 35.71
N THR B 251 -13.55 -8.63 34.61
CA THR B 251 -12.99 -9.94 34.20
C THR B 251 -11.47 -10.08 34.20
N ALA B 252 -10.74 -8.98 34.41
CA ALA B 252 -9.28 -8.94 34.27
C ALA B 252 -8.64 -8.25 35.50
N PRO B 253 -8.91 -8.79 36.68
CA PRO B 253 -8.29 -8.22 37.90
C PRO B 253 -6.76 -8.27 37.93
N ASP B 254 -6.15 -9.21 37.19
CA ASP B 254 -4.72 -9.32 37.12
C ASP B 254 -3.97 -8.10 36.50
N ILE B 255 -4.66 -7.22 35.78
CA ILE B 255 -4.04 -6.03 35.21
C ILE B 255 -4.57 -4.72 35.86
N ASP B 256 -5.14 -4.86 37.05
CA ASP B 256 -5.44 -3.72 37.87
C ASP B 256 -4.25 -2.80 38.02
N GLY B 257 -4.42 -1.54 37.62
CA GLY B 257 -3.34 -0.55 37.68
C GLY B 257 -2.38 -0.68 36.49
N LYS B 258 -2.67 -1.52 35.50
CA LYS B 258 -1.71 -1.80 34.41
C LYS B 258 -2.26 -1.53 33.01
N TRP B 259 -3.37 -0.81 32.96
CA TRP B 259 -4.02 -0.47 31.72
C TRP B 259 -4.72 0.85 31.92
N ALA B 260 -4.95 1.53 30.82
CA ALA B 260 -5.69 2.75 30.80
C ALA B 260 -6.37 2.92 29.47
N THR B 261 -7.17 3.98 29.38
CA THR B 261 -7.66 4.41 28.04
C THR B 261 -7.06 5.73 27.67
N ALA B 262 -7.10 6.05 26.41
CA ALA B 262 -6.56 7.33 25.91
C ALA B 262 -7.35 7.75 24.70
N VAL B 263 -7.31 9.05 24.33
CA VAL B 263 -7.97 9.47 23.08
C VAL B 263 -7.24 8.83 21.89
N LEU B 264 -7.97 8.72 20.80
CA LEU B 264 -7.42 8.08 19.63
C LEU B 264 -6.21 8.85 19.10
N PRO B 265 -5.24 8.11 18.57
CA PRO B 265 -4.13 8.75 17.87
C PRO B 265 -4.58 9.59 16.67
N LYS B 266 -3.84 10.63 16.38
N LYS B 266 -3.79 10.60 16.38
CA LYS B 266 -4.17 11.58 15.35
CA LYS B 266 -4.11 11.59 15.37
C LYS B 266 -3.41 11.32 14.06
C LYS B 266 -3.39 11.34 14.05
N LYS B 267 -4.07 11.63 12.94
CA LYS B 267 -3.39 11.71 11.64
C LYS B 267 -3.51 13.16 11.27
N GLU B 268 -4.49 13.53 10.43
CA GLU B 268 -4.84 14.93 10.23
C GLU B 268 -5.65 15.42 11.44
N ASN B 269 -6.47 14.52 11.99
CA ASN B 269 -7.29 14.76 13.19
C ASN B 269 -7.41 13.43 13.91
N ASN B 270 -8.01 13.43 15.12
CA ASN B 270 -8.23 12.14 15.83
C ASN B 270 -9.70 11.86 16.09
N GLU B 271 -10.55 12.32 15.17
CA GLU B 271 -11.98 12.15 15.35
C GLU B 271 -12.35 10.66 15.57
N SER B 272 -13.25 10.40 16.53
CA SER B 272 -13.89 9.10 16.71
C SER B 272 -15.29 9.07 16.19
N SER B 273 -15.94 7.93 16.32
CA SER B 273 -17.35 7.79 16.00
C SER B 273 -18.19 8.10 17.23
N LEU B 274 -19.38 8.65 16.99
CA LEU B 274 -20.42 8.82 18.00
C LEU B 274 -21.53 7.83 17.69
N GLY B 275 -21.80 6.98 18.66
CA GLY B 275 -22.85 6.00 18.54
C GLY B 275 -23.70 5.87 19.81
N GLY B 276 -24.26 4.66 19.96
CA GLY B 276 -25.07 4.28 21.09
C GLY B 276 -26.39 3.73 20.61
N ALA B 277 -27.41 3.95 21.42
CA ALA B 277 -28.76 3.50 21.08
C ALA B 277 -29.79 4.44 21.58
N ASN B 278 -30.95 4.34 20.93
CA ASN B 278 -32.12 5.13 21.17
C ASN B 278 -33.26 4.17 21.48
N LEU B 279 -34.29 4.66 22.20
CA LEU B 279 -35.52 3.93 22.26
C LEU B 279 -36.50 4.54 21.29
N SER B 280 -37.20 3.65 20.57
CA SER B 280 -38.20 4.02 19.56
C SER B 280 -39.40 3.14 19.71
N ILE B 281 -40.52 3.61 19.14
CA ILE B 281 -41.74 2.88 19.11
C ILE B 281 -41.95 2.31 17.71
N PHE B 282 -42.22 1.03 17.66
CA PHE B 282 -42.45 0.36 16.36
C PHE B 282 -43.77 0.89 15.85
N LYS B 283 -43.81 1.22 14.57
CA LYS B 283 -44.95 1.89 14.02
C LYS B 283 -46.21 1.05 14.07
N TYR B 284 -46.08 -0.27 14.01
CA TYR B 284 -47.23 -1.18 13.99
C TYR B 284 -47.73 -1.59 15.41
N SER B 285 -47.09 -1.05 16.45
CA SER B 285 -47.52 -1.33 17.83
C SER B 285 -48.97 -0.91 18.12
N ASN B 286 -49.64 -1.81 18.86
CA ASN B 286 -50.95 -1.62 19.49
C ASN B 286 -50.97 -0.77 20.76
N LYS B 287 -49.78 -0.49 21.30
CA LYS B 287 -49.65 -0.01 22.64
C LYS B 287 -48.77 1.19 22.67
N LYS B 288 -49.03 2.16 21.79
CA LYS B 288 -48.18 3.31 21.69
C LYS B 288 -48.14 4.12 22.95
N ASP B 289 -49.31 4.28 23.58
CA ASP B 289 -49.42 4.96 24.88
C ASP B 289 -48.50 4.30 25.94
N ASP B 290 -48.60 3.00 26.10
CA ASP B 290 -47.79 2.31 27.11
C ASP B 290 -46.33 2.29 26.75
N ALA B 291 -46.02 2.16 25.46
CA ALA B 291 -44.62 2.28 24.96
C ALA B 291 -43.99 3.63 25.37
N LEU B 292 -44.72 4.72 25.13
CA LEU B 292 -44.29 6.07 25.49
C LEU B 292 -44.08 6.24 26.99
N LYS B 293 -44.99 5.66 27.78
CA LYS B 293 -44.86 5.71 29.24
C LYS B 293 -43.57 5.04 29.71
N PHE B 294 -43.32 3.86 29.14
CA PHE B 294 -42.13 3.12 29.44
C PHE B 294 -40.88 3.95 29.06
N MET B 295 -40.87 4.50 27.85
CA MET B 295 -39.73 5.33 27.41
C MET B 295 -39.49 6.52 28.36
N ASP B 296 -40.56 7.21 28.72
CA ASP B 296 -40.49 8.41 29.56
C ASP B 296 -39.98 7.99 30.93
N TYR B 297 -40.52 6.89 31.41
CA TYR B 297 -40.00 6.26 32.61
C TYR B 297 -38.47 6.01 32.56
N MET B 298 -38.03 5.32 31.52
CA MET B 298 -36.62 4.98 31.35
C MET B 298 -35.75 6.22 31.14
N SER B 299 -36.35 7.33 30.70
CA SER B 299 -35.62 8.59 30.48
C SER B 299 -35.48 9.52 31.75
N GLN B 300 -36.07 9.14 32.87
CA GLN B 300 -35.86 9.85 34.11
C GLN B 300 -34.40 9.88 34.46
N PRO B 301 -33.88 11.07 34.79
CA PRO B 301 -32.41 11.18 34.89
C PRO B 301 -31.74 10.40 36.01
N ASP B 302 -32.42 10.23 37.12
CA ASP B 302 -31.89 9.39 38.20
C ASP B 302 -31.93 7.91 37.83
N VAL B 303 -33.00 7.43 37.21
CA VAL B 303 -33.10 6.05 36.71
C VAL B 303 -31.94 5.80 35.71
N GLN B 304 -31.79 6.73 34.78
CA GLN B 304 -30.69 6.67 33.82
C GLN B 304 -29.30 6.61 34.47
N LEU B 305 -29.00 7.60 35.31
CA LEU B 305 -27.69 7.66 35.94
C LEU B 305 -27.32 6.43 36.72
N SER B 306 -28.32 5.82 37.37
CA SER B 306 -28.10 4.63 38.21
C SER B 306 -27.45 3.50 37.37
N TRP B 307 -28.11 3.08 36.27
CA TRP B 307 -27.55 1.99 35.45
C TRP B 307 -26.32 2.46 34.64
N LEU B 308 -26.31 3.72 34.16
CA LEU B 308 -25.19 4.22 33.37
C LEU B 308 -23.87 4.21 34.14
N LYS B 309 -23.89 4.76 35.34
CA LYS B 309 -22.68 4.82 36.17
C LYS B 309 -22.22 3.42 36.55
N ASP B 310 -23.15 2.54 36.83
CA ASP B 310 -22.80 1.20 37.28
C ASP B 310 -22.05 0.41 36.19
N THR B 311 -22.38 0.72 34.93
CA THR B 311 -21.84 0.04 33.76
C THR B 311 -20.74 0.83 33.05
N ASN B 312 -20.30 1.92 33.67
CA ASN B 312 -19.39 2.89 33.05
C ASN B 312 -19.86 3.41 31.68
N SER B 313 -21.18 3.42 31.45
CA SER B 313 -21.75 3.83 30.15
C SER B 313 -21.83 5.35 30.06
N MET B 314 -21.83 5.86 28.86
CA MET B 314 -21.89 7.30 28.60
C MET B 314 -23.34 7.77 28.46
N PRO B 315 -23.75 8.74 29.30
CA PRO B 315 -25.04 9.35 29.11
C PRO B 315 -25.07 10.11 27.79
N ALA B 316 -26.23 10.05 27.12
CA ALA B 316 -26.59 10.94 26.03
C ALA B 316 -27.18 12.30 26.48
N ARG B 317 -27.60 12.41 27.75
CA ARG B 317 -28.17 13.60 28.30
C ARG B 317 -27.01 14.46 28.84
N MET B 318 -27.01 15.75 28.50
CA MET B 318 -25.82 16.57 28.73
C MET B 318 -25.54 16.83 30.20
N ASP B 319 -26.61 17.14 30.95
CA ASP B 319 -26.39 17.56 32.33
C ASP B 319 -25.95 16.42 33.23
N ALA B 320 -26.09 15.17 32.75
CA ALA B 320 -25.56 14.00 33.50
C ALA B 320 -24.05 14.03 33.69
N TRP B 321 -23.34 14.68 32.74
CA TRP B 321 -21.89 14.76 32.78
C TRP B 321 -21.39 15.75 33.82
N GLU B 322 -22.30 16.53 34.42
CA GLU B 322 -21.95 17.29 35.62
C GLU B 322 -21.92 16.47 36.89
N ASP B 323 -22.37 15.24 36.88
CA ASP B 323 -22.30 14.38 38.08
C ASP B 323 -20.80 14.20 38.46
N ASP B 324 -20.53 14.17 39.76
CA ASP B 324 -19.14 14.21 40.25
C ASP B 324 -18.24 12.99 39.83
N MET B 325 -18.79 11.79 39.75
CA MET B 325 -18.04 10.65 39.15
C MET B 325 -17.71 10.87 37.68
N LEU B 326 -18.65 11.39 36.89
CA LEU B 326 -18.35 11.59 35.48
C LEU B 326 -17.28 12.68 35.26
N LYS B 327 -17.24 13.69 36.13
CA LYS B 327 -16.18 14.73 36.08
C LYS B 327 -14.82 14.17 36.42
N ASN B 328 -14.78 13.28 37.41
CA ASN B 328 -13.52 12.86 38.03
C ASN B 328 -12.99 11.46 37.65
N ASP B 329 -13.83 10.60 37.12
CA ASP B 329 -13.42 9.25 36.86
C ASP B 329 -12.46 9.29 35.63
N PRO B 330 -11.29 8.62 35.72
CA PRO B 330 -10.38 8.68 34.55
C PRO B 330 -10.94 8.18 33.20
N TYR B 331 -11.75 7.15 33.23
CA TYR B 331 -12.38 6.64 32.00
C TYR B 331 -13.38 7.64 31.41
N TYR B 332 -14.19 8.23 32.29
CA TYR B 332 -15.14 9.22 31.83
C TYR B 332 -14.45 10.47 31.27
N LYS B 333 -13.31 10.84 31.86
CA LYS B 333 -12.59 11.99 31.37
C LYS B 333 -12.13 11.77 29.92
N VAL B 334 -11.59 10.60 29.65
CA VAL B 334 -11.16 10.24 28.27
C VAL B 334 -12.34 10.17 27.30
N PHE B 335 -13.43 9.52 27.71
CA PHE B 335 -14.62 9.42 26.87
C PHE B 335 -15.18 10.80 26.60
N GLY B 336 -15.25 11.63 27.64
CA GLY B 336 -15.75 12.99 27.50
C GLY B 336 -14.89 13.84 26.55
N GLU B 337 -13.58 13.70 26.68
CA GLU B 337 -12.65 14.37 25.76
C GLU B 337 -12.84 13.88 24.30
N GLN B 338 -12.93 12.58 24.08
CA GLN B 338 -13.13 12.06 22.74
C GLN B 338 -14.51 12.49 22.15
N MET B 339 -15.51 12.57 23.02
CA MET B 339 -16.86 12.84 22.55
C MET B 339 -16.97 14.22 21.94
N LYS B 340 -16.09 15.13 22.37
CA LYS B 340 -16.11 16.52 21.94
C LYS B 340 -16.12 16.64 20.44
N THR B 341 -15.37 15.79 19.75
CA THR B 341 -15.33 15.90 18.29
C THR B 341 -15.85 14.66 17.58
N ALA B 342 -16.49 13.77 18.33
CA ALA B 342 -16.96 12.52 17.75
C ALA B 342 -18.15 12.78 16.85
N GLU B 343 -18.23 12.06 15.73
CA GLU B 343 -19.35 12.24 14.82
C GLU B 343 -19.99 10.89 14.50
N PRO B 344 -21.31 10.84 14.35
CA PRO B 344 -21.95 9.62 13.88
C PRO B 344 -21.40 9.17 12.55
N MET B 345 -21.37 7.86 12.36
CA MET B 345 -21.26 7.34 11.02
C MET B 345 -22.29 8.01 10.07
N PRO B 346 -22.01 7.98 8.75
CA PRO B 346 -22.93 8.63 7.81
C PRO B 346 -24.36 8.17 8.04
N LEU B 347 -25.27 9.11 8.21
CA LEU B 347 -26.59 8.87 8.65
C LEU B 347 -27.41 8.60 7.41
N ILE B 348 -27.11 7.47 6.78
CA ILE B 348 -27.74 7.14 5.49
C ILE B 348 -28.43 5.76 5.66
N PRO B 349 -29.52 5.54 4.90
CA PRO B 349 -30.29 4.33 5.10
C PRO B 349 -29.61 3.05 4.66
N GLN B 350 -28.61 3.10 3.84
CA GLN B 350 -27.87 1.86 3.48
C GLN B 350 -26.58 1.72 4.26
N PHE B 351 -26.44 2.38 5.42
CA PHE B 351 -25.21 2.36 6.15
C PHE B 351 -24.74 0.94 6.49
N GLU B 352 -25.61 0.10 7.08
CA GLU B 352 -25.18 -1.23 7.46
C GLU B 352 -24.71 -2.04 6.29
N GLU B 353 -25.45 -1.93 5.20
CA GLU B 353 -25.14 -2.67 3.98
C GLU B 353 -23.76 -2.23 3.44
N ILE B 354 -23.53 -0.92 3.52
CA ILE B 354 -22.25 -0.36 3.06
C ILE B 354 -21.11 -0.80 4.01
N ALA B 355 -21.36 -0.81 5.31
CA ALA B 355 -20.39 -1.29 6.25
C ALA B 355 -20.07 -2.78 6.08
N GLN B 356 -21.04 -3.58 5.76
CA GLN B 356 -20.82 -5.01 5.48
C GLN B 356 -20.05 -5.20 4.18
N LEU B 357 -20.32 -4.38 3.18
CA LEU B 357 -19.49 -4.35 1.93
C LEU B 357 -18.06 -3.96 2.24
N TYR B 358 -17.86 -2.97 3.10
CA TYR B 358 -16.51 -2.61 3.52
C TYR B 358 -15.85 -3.84 4.19
N GLY B 359 -16.61 -4.50 5.09
CA GLY B 359 -16.15 -5.73 5.79
C GLY B 359 -15.65 -6.77 4.77
N LYS B 360 -16.42 -7.01 3.73
CA LYS B 360 -16.01 -8.00 2.75
C LYS B 360 -14.76 -7.59 1.98
N SER B 361 -14.68 -6.32 1.59
CA SER B 361 -13.47 -5.82 0.95
C SER B 361 -12.25 -5.85 1.87
N TRP B 362 -12.42 -5.48 3.12
CA TRP B 362 -11.35 -5.61 4.12
C TRP B 362 -10.84 -7.03 4.21
N GLU B 363 -11.77 -8.03 4.28
CA GLU B 363 -11.41 -9.43 4.31
C GLU B 363 -10.59 -9.86 3.08
N GLN B 364 -11.03 -9.41 1.91
CA GLN B 364 -10.28 -9.64 0.66
C GLN B 364 -8.84 -9.13 0.77
N ILE B 365 -8.66 -7.96 1.40
CA ILE B 365 -7.33 -7.38 1.64
C ILE B 365 -6.56 -8.14 2.73
N TYR B 366 -7.10 -8.21 3.94
CA TYR B 366 -6.28 -8.73 5.03
C TYR B 366 -6.12 -10.24 4.99
N ARG B 367 -7.07 -10.94 4.40
CA ARG B 367 -7.00 -12.38 4.37
C ARG B 367 -6.65 -12.85 2.97
N GLY B 368 -7.22 -12.26 1.94
CA GLY B 368 -7.00 -12.73 0.56
C GLY B 368 -5.80 -12.09 -0.10
N GLY B 369 -5.22 -11.07 0.53
CA GLY B 369 -4.06 -10.39 -0.03
C GLY B 369 -4.36 -9.49 -1.23
N ALA B 370 -5.62 -9.10 -1.42
CA ALA B 370 -5.97 -8.25 -2.52
C ALA B 370 -5.24 -6.88 -2.46
N ASP B 371 -5.04 -6.31 -3.65
CA ASP B 371 -4.56 -4.99 -3.81
C ASP B 371 -5.55 -3.98 -3.28
N VAL B 372 -5.06 -3.04 -2.46
CA VAL B 372 -5.94 -2.12 -1.76
C VAL B 372 -6.60 -1.16 -2.75
N GLN B 373 -5.82 -0.56 -3.69
CA GLN B 373 -6.48 0.26 -4.69
C GLN B 373 -7.54 -0.47 -5.54
N THR B 374 -7.20 -1.65 -6.05
CA THR B 374 -8.12 -2.43 -6.91
C THR B 374 -9.35 -2.81 -6.12
N GLN B 375 -9.15 -3.25 -4.90
CA GLN B 375 -10.30 -3.60 -4.03
C GLN B 375 -11.21 -2.41 -3.64
N MET B 376 -10.59 -1.26 -3.34
CA MET B 376 -11.36 -0.05 -3.08
C MET B 376 -12.08 0.49 -4.32
N ASP B 377 -11.52 0.30 -5.53
CA ASP B 377 -12.27 0.63 -6.73
C ASP B 377 -13.53 -0.23 -6.77
N THR B 378 -13.37 -1.51 -6.51
CA THR B 378 -14.47 -2.48 -6.55
C THR B 378 -15.55 -2.05 -5.48
N PHE B 379 -15.09 -1.77 -4.28
CA PHE B 379 -15.93 -1.36 -3.16
C PHE B 379 -16.68 -0.06 -3.53
N ASN B 380 -15.95 0.96 -3.99
CA ASN B 380 -16.59 2.21 -4.34
C ASN B 380 -17.70 2.04 -5.37
N ASP B 381 -17.42 1.23 -6.38
CA ASP B 381 -18.40 0.91 -7.41
C ASP B 381 -19.64 0.22 -6.83
N GLN B 382 -19.42 -0.75 -5.93
CA GLN B 382 -20.50 -1.33 -5.21
C GLN B 382 -21.36 -0.32 -4.49
N VAL B 383 -20.70 0.61 -3.81
CA VAL B 383 -21.42 1.58 -3.06
C VAL B 383 -22.26 2.51 -4.02
N GLU B 384 -21.66 2.95 -5.13
CA GLU B 384 -22.34 3.80 -6.09
C GLU B 384 -23.53 3.08 -6.66
N ALA B 385 -23.38 1.78 -6.89
CA ALA B 385 -24.50 0.99 -7.48
C ALA B 385 -25.67 0.96 -6.49
N LEU B 386 -25.34 0.80 -5.20
CA LEU B 386 -26.40 0.80 -4.15
C LEU B 386 -27.13 2.13 -4.10
N LEU B 387 -26.37 3.20 -4.09
CA LEU B 387 -26.91 4.54 -4.02
C LEU B 387 -27.83 4.84 -5.22
N LYS B 388 -27.45 4.34 -6.40
CA LYS B 388 -28.25 4.54 -7.58
C LYS B 388 -29.56 3.77 -7.49
N LYS B 389 -29.51 2.54 -6.93
CA LYS B 389 -30.71 1.77 -6.71
C LYS B 389 -31.67 2.52 -5.79
N LEU B 390 -31.19 3.10 -4.69
CA LEU B 390 -32.05 3.83 -3.76
C LEU B 390 -32.64 5.05 -4.44
N GLU B 391 -31.80 5.84 -5.17
CA GLU B 391 -32.32 6.93 -5.96
C GLU B 391 -33.46 6.49 -6.93
N HIS B 392 -33.28 5.36 -7.65
CA HIS B 392 -34.32 4.90 -8.61
C HIS B 392 -35.64 4.62 -7.85
N HIS B 393 -35.55 3.97 -6.69
CA HIS B 393 -36.74 3.72 -5.84
C HIS B 393 -37.40 5.06 -5.42
N HIS B 394 -36.59 6.10 -5.16
CA HIS B 394 -37.09 7.42 -4.73
C HIS B 394 -37.69 8.32 -5.90
N HIS B 395 -37.42 8.00 -7.17
CA HIS B 395 -37.72 8.87 -8.32
C HIS B 395 -38.19 7.96 -9.38
N HIS B 396 -39.26 7.27 -9.06
CA HIS B 396 -39.72 6.23 -9.91
C HIS B 396 -40.91 6.79 -10.68
N HIS B 397 -40.67 7.85 -11.43
CA HIS B 397 -41.74 8.50 -12.20
C HIS B 397 -41.22 8.86 -13.55
#